data_1LEY
# 
_entry.id   1LEY 
# 
_audit_conform.dict_name       mmcif_pdbx.dic 
_audit_conform.dict_version    5.386 
_audit_conform.dict_location   http://mmcif.pdb.org/dictionaries/ascii/mmcif_pdbx.dic 
# 
loop_
_database_2.database_id 
_database_2.database_code 
_database_2.pdbx_database_accession 
_database_2.pdbx_DOI 
PDB   1LEY         pdb_00001ley 10.2210/pdb1ley/pdb 
RCSB  GDL038       ?            ?                   
WWPDB D_1000174691 ?            ?                   
# 
loop_
_pdbx_audit_revision_history.ordinal 
_pdbx_audit_revision_history.data_content_type 
_pdbx_audit_revision_history.major_revision 
_pdbx_audit_revision_history.minor_revision 
_pdbx_audit_revision_history.revision_date 
1 'Structure model' 1 0 1996-04-03 
2 'Structure model' 1 1 2008-05-22 
3 'Structure model' 1 2 2011-07-13 
4 'Structure model' 1 3 2024-02-14 
# 
_pdbx_audit_revision_details.ordinal             1 
_pdbx_audit_revision_details.revision_ordinal    1 
_pdbx_audit_revision_details.data_content_type   'Structure model' 
_pdbx_audit_revision_details.provider            repository 
_pdbx_audit_revision_details.type                'Initial release' 
_pdbx_audit_revision_details.description         ? 
_pdbx_audit_revision_details.details             ? 
# 
loop_
_pdbx_audit_revision_group.ordinal 
_pdbx_audit_revision_group.revision_ordinal 
_pdbx_audit_revision_group.data_content_type 
_pdbx_audit_revision_group.group 
1 2 'Structure model' 'Version format compliance' 
2 3 'Structure model' 'Version format compliance' 
3 4 'Structure model' 'Data collection'           
4 4 'Structure model' 'Database references'       
5 4 'Structure model' 'Derived calculations'      
# 
loop_
_pdbx_audit_revision_category.ordinal 
_pdbx_audit_revision_category.revision_ordinal 
_pdbx_audit_revision_category.data_content_type 
_pdbx_audit_revision_category.category 
1 4 'Structure model' chem_comp_atom 
2 4 'Structure model' chem_comp_bond 
3 4 'Structure model' database_2     
4 4 'Structure model' struct_site    
# 
loop_
_pdbx_audit_revision_item.ordinal 
_pdbx_audit_revision_item.revision_ordinal 
_pdbx_audit_revision_item.data_content_type 
_pdbx_audit_revision_item.item 
1 4 'Structure model' '_database_2.pdbx_DOI'                
2 4 'Structure model' '_database_2.pdbx_database_accession' 
3 4 'Structure model' '_struct_site.pdbx_auth_asym_id'      
4 4 'Structure model' '_struct_site.pdbx_auth_comp_id'      
5 4 'Structure model' '_struct_site.pdbx_auth_seq_id'       
# 
_pdbx_database_status.status_code                     REL 
_pdbx_database_status.entry_id                        1LEY 
_pdbx_database_status.recvd_initial_deposition_date   1995-10-10 
_pdbx_database_status.deposit_site                    BNL 
_pdbx_database_status.process_site                    NDB 
_pdbx_database_status.SG_entry                        . 
_pdbx_database_status.pdb_format_compatible           Y 
_pdbx_database_status.status_code_mr                  ? 
_pdbx_database_status.status_code_sf                  ? 
_pdbx_database_status.status_code_cs                  ? 
_pdbx_database_status.status_code_nmr_data            ? 
_pdbx_database_status.methods_development_category    ? 
# 
loop_
_audit_author.name 
_audit_author.pdbx_ordinal 
'Goodsell, D.S.'  1 
'Ng, H.L.'        2 
'Kopka, M.L.'     3 
'Lown, J.W.'      4 
'Dickerson, R.E.' 5 
# 
_citation.id                        primary 
_citation.title                     'Structure of a dicationic monoimidazole lexitropsin bound to DNA.' 
_citation.journal_abbrev            Biochemistry 
_citation.journal_volume            34 
_citation.page_first                16654 
_citation.page_last                 16661 
_citation.year                      1995 
_citation.journal_id_ASTM           BICHAW 
_citation.country                   US 
_citation.journal_id_ISSN           0006-2960 
_citation.journal_id_CSD            0033 
_citation.book_publisher            ? 
_citation.pdbx_database_id_PubMed   8527438 
_citation.pdbx_database_id_DOI      10.1021/bi00051a013 
# 
loop_
_citation_author.citation_id 
_citation_author.name 
_citation_author.ordinal 
_citation_author.identifier_ORCID 
primary 'Goodsell, D.S.'  1 ? 
primary 'Ng, H.L.'        2 ? 
primary 'Kopka, M.L.'     3 ? 
primary 'Lown, J.W.'      4 ? 
primary 'Dickerson, R.E.' 5 ? 
# 
loop_
_entity.id 
_entity.type 
_entity.src_method 
_entity.pdbx_description 
_entity.formula_weight 
_entity.pdbx_number_of_molecules 
_entity.pdbx_ec 
_entity.pdbx_mutation 
_entity.pdbx_fragment 
_entity.details 
1 polymer     syn 
;DNA (5'-D(*CP*GP*CP*GP*AP*AP*TP*TP*CP*GP*CP*G)-3')
;
3663.392 2  ? ? ? ? 
2 non-polymer syn 'MONOIMIDAZOLE LEXITROPSIN'                          431.452  1  ? ? ? ? 
3 water       nat water                                                18.015   37 ? ? ? ? 
# 
_entity_poly.entity_id                      1 
_entity_poly.type                           polydeoxyribonucleotide 
_entity_poly.nstd_linkage                   no 
_entity_poly.nstd_monomer                   no 
_entity_poly.pdbx_seq_one_letter_code       '(DC)(DG)(DC)(DG)(DA)(DA)(DT)(DT)(DC)(DG)(DC)(DG)' 
_entity_poly.pdbx_seq_one_letter_code_can   CGCGAATTCGCG 
_entity_poly.pdbx_strand_id                 A,B 
_entity_poly.pdbx_target_identifier         ? 
# 
loop_
_pdbx_entity_nonpoly.entity_id 
_pdbx_entity_nonpoly.name 
_pdbx_entity_nonpoly.comp_id 
2 'MONOIMIDAZOLE LEXITROPSIN' ILT 
3 water                       HOH 
# 
loop_
_entity_poly_seq.entity_id 
_entity_poly_seq.num 
_entity_poly_seq.mon_id 
_entity_poly_seq.hetero 
1 1  DC n 
1 2  DG n 
1 3  DC n 
1 4  DG n 
1 5  DA n 
1 6  DA n 
1 7  DT n 
1 8  DT n 
1 9  DC n 
1 10 DG n 
1 11 DC n 
1 12 DG n 
# 
loop_
_chem_comp.id 
_chem_comp.type 
_chem_comp.mon_nstd_flag 
_chem_comp.name 
_chem_comp.pdbx_synonyms 
_chem_comp.formula 
_chem_comp.formula_weight 
DA  'DNA linking' y "2'-DEOXYADENOSINE-5'-MONOPHOSPHATE" ? 'C10 H14 N5 O6 P' 331.222 
DC  'DNA linking' y "2'-DEOXYCYTIDINE-5'-MONOPHOSPHATE"  ? 'C9 H14 N3 O7 P'  307.197 
DG  'DNA linking' y "2'-DEOXYGUANOSINE-5'-MONOPHOSPHATE" ? 'C10 H14 N5 O7 P' 347.221 
DT  'DNA linking' y "THYMIDINE-5'-MONOPHOSPHATE"         ? 'C10 H15 N2 O8 P' 322.208 
HOH non-polymer   . WATER                                ? 'H2 O'            18.015  
ILT non-polymer   . 'MONOIMIDAZOLE LEXITROPSIN'          ? 'C17 H25 N11 O3'  431.452 
# 
loop_
_pdbx_poly_seq_scheme.asym_id 
_pdbx_poly_seq_scheme.entity_id 
_pdbx_poly_seq_scheme.seq_id 
_pdbx_poly_seq_scheme.mon_id 
_pdbx_poly_seq_scheme.ndb_seq_num 
_pdbx_poly_seq_scheme.pdb_seq_num 
_pdbx_poly_seq_scheme.auth_seq_num 
_pdbx_poly_seq_scheme.pdb_mon_id 
_pdbx_poly_seq_scheme.auth_mon_id 
_pdbx_poly_seq_scheme.pdb_strand_id 
_pdbx_poly_seq_scheme.pdb_ins_code 
_pdbx_poly_seq_scheme.hetero 
A 1 1  DC 1  1  1  DC C A . n 
A 1 2  DG 2  2  2  DG G A . n 
A 1 3  DC 3  3  3  DC C A . n 
A 1 4  DG 4  4  4  DG G A . n 
A 1 5  DA 5  5  5  DA A A . n 
A 1 6  DA 6  6  6  DA A A . n 
A 1 7  DT 7  7  7  DT T A . n 
A 1 8  DT 8  8  8  DT T A . n 
A 1 9  DC 9  9  9  DC C A . n 
A 1 10 DG 10 10 10 DG G A . n 
A 1 11 DC 11 11 11 DC C A . n 
A 1 12 DG 12 12 12 DG G A . n 
B 1 1  DC 1  13 13 DC C B . n 
B 1 2  DG 2  14 14 DG G B . n 
B 1 3  DC 3  15 15 DC C B . n 
B 1 4  DG 4  16 16 DG G B . n 
B 1 5  DA 5  17 17 DA A B . n 
B 1 6  DA 6  18 18 DA A B . n 
B 1 7  DT 7  19 19 DT T B . n 
B 1 8  DT 8  20 20 DT T B . n 
B 1 9  DC 9  21 21 DC C B . n 
B 1 10 DG 10 22 22 DG G B . n 
B 1 11 DC 11 23 23 DC C B . n 
B 1 12 DG 12 24 24 DG G B . n 
# 
loop_
_pdbx_nonpoly_scheme.asym_id 
_pdbx_nonpoly_scheme.entity_id 
_pdbx_nonpoly_scheme.mon_id 
_pdbx_nonpoly_scheme.ndb_seq_num 
_pdbx_nonpoly_scheme.pdb_seq_num 
_pdbx_nonpoly_scheme.auth_seq_num 
_pdbx_nonpoly_scheme.pdb_mon_id 
_pdbx_nonpoly_scheme.auth_mon_id 
_pdbx_nonpoly_scheme.pdb_strand_id 
_pdbx_nonpoly_scheme.pdb_ins_code 
C 2 ILT 1  25 25 ILT ILT A . 
D 3 HOH 1  28 28 HOH HOH A . 
D 3 HOH 2  31 31 HOH HOH A . 
D 3 HOH 3  32 32 HOH HOH A . 
D 3 HOH 4  35 35 HOH HOH A . 
D 3 HOH 5  36 36 HOH HOH A . 
D 3 HOH 6  37 37 HOH HOH A . 
D 3 HOH 7  42 42 HOH HOH A . 
D 3 HOH 8  43 43 HOH HOH A . 
D 3 HOH 9  47 47 HOH HOH A . 
D 3 HOH 10 48 48 HOH HOH A . 
D 3 HOH 11 49 49 HOH HOH A . 
D 3 HOH 12 51 51 HOH HOH A . 
D 3 HOH 13 52 52 HOH HOH A . 
D 3 HOH 14 54 54 HOH HOH A . 
D 3 HOH 15 56 56 HOH HOH A . 
D 3 HOH 16 58 58 HOH HOH A . 
D 3 HOH 17 59 59 HOH HOH A . 
D 3 HOH 18 60 60 HOH HOH A . 
D 3 HOH 19 61 61 HOH HOH A . 
D 3 HOH 20 62 62 HOH HOH A . 
E 3 HOH 1  26 26 HOH HOH B . 
E 3 HOH 2  27 27 HOH HOH B . 
E 3 HOH 3  29 29 HOH HOH B . 
E 3 HOH 4  30 30 HOH HOH B . 
E 3 HOH 5  33 33 HOH HOH B . 
E 3 HOH 6  34 34 HOH HOH B . 
E 3 HOH 7  38 38 HOH HOH B . 
E 3 HOH 8  39 39 HOH HOH B . 
E 3 HOH 9  40 40 HOH HOH B . 
E 3 HOH 10 41 41 HOH HOH B . 
E 3 HOH 11 44 44 HOH HOH B . 
E 3 HOH 12 45 45 HOH HOH B . 
E 3 HOH 13 46 46 HOH HOH B . 
E 3 HOH 14 50 50 HOH HOH B . 
E 3 HOH 15 53 53 HOH HOH B . 
E 3 HOH 16 55 55 HOH HOH B . 
E 3 HOH 17 57 57 HOH HOH B . 
# 
_software.name             NUCLSQ 
_software.classification   refinement 
_software.version          . 
_software.citation_id      ? 
_software.pdbx_ordinal     1 
# 
_cell.entry_id           1LEY 
_cell.length_a           24.030 
_cell.length_b           39.260 
_cell.length_c           66.300 
_cell.angle_alpha        90.00 
_cell.angle_beta         90.00 
_cell.angle_gamma        90.00 
_cell.Z_PDB              8 
_cell.pdbx_unique_axis   ? 
# 
_symmetry.entry_id                         1LEY 
_symmetry.space_group_name_H-M             'P 21 21 21' 
_symmetry.pdbx_full_space_group_name_H-M   ? 
_symmetry.cell_setting                     ? 
_symmetry.Int_Tables_number                19 
# 
_exptl.entry_id          1LEY 
_exptl.method            'X-RAY DIFFRACTION' 
_exptl.crystals_number   ? 
# 
_exptl_crystal.id                    1 
_exptl_crystal.density_meas          ? 
_exptl_crystal.density_Matthews      2.04 
_exptl_crystal.density_percent_sol   39.85 
_exptl_crystal.description           ? 
# 
_exptl_crystal_grow.crystal_id      1 
_exptl_crystal_grow.method          'VAPOR DIFFUSION, SITTING DROP' 
_exptl_crystal_grow.temp            278.00 
_exptl_crystal_grow.temp_details    ? 
_exptl_crystal_grow.pH              ? 
_exptl_crystal_grow.pdbx_details    'VAPOR DIFFUSION, SITTING DROP, temperature 278.00K' 
_exptl_crystal_grow.pdbx_pH_range   ? 
# 
loop_
_exptl_crystal_grow_comp.crystal_id 
_exptl_crystal_grow_comp.id 
_exptl_crystal_grow_comp.sol_id 
_exptl_crystal_grow_comp.name 
_exptl_crystal_grow_comp.volume 
_exptl_crystal_grow_comp.conc 
_exptl_crystal_grow_comp.details 
1 1 1 WATER        ? ? ? 
1 2 1 MPD          ? ? ? 
1 3 1 'MG ACETATE' ? ? ? 
1 4 1 SPERMINE_HCL ? ? ? 
1 5 2 WATER        ? ? ? 
1 6 2 MPD          ? ? ? 
# 
_diffrn.id                     1 
_diffrn.ambient_temp           248.00 
_diffrn.ambient_temp_details   ? 
_diffrn.crystal_id             1 
# 
_diffrn_detector.diffrn_id              1 
_diffrn_detector.detector               DIFFRACTOMETER 
_diffrn_detector.type                   'RIGAKU AFC-5R' 
_diffrn_detector.pdbx_collection_date   ? 
_diffrn_detector.details                ? 
# 
_diffrn_radiation.diffrn_id                        1 
_diffrn_radiation.wavelength_id                    1 
_diffrn_radiation.pdbx_monochromatic_or_laue_m_l   M 
_diffrn_radiation.monochromator                    ? 
_diffrn_radiation.pdbx_diffrn_protocol             'SINGLE WAVELENGTH' 
_diffrn_radiation.pdbx_scattering_type             x-ray 
# 
_diffrn_radiation_wavelength.id           1 
_diffrn_radiation_wavelength.wavelength   . 
_diffrn_radiation_wavelength.wt           1.0 
# 
_diffrn_source.diffrn_id                   1 
_diffrn_source.source                      ? 
_diffrn_source.type                        ? 
_diffrn_source.pdbx_synchrotron_site       ? 
_diffrn_source.pdbx_synchrotron_beamline   ? 
_diffrn_source.pdbx_wavelength             ? 
_diffrn_source.pdbx_wavelength_list        ? 
# 
_reflns.entry_id                     1LEY 
_reflns.observed_criterion_sigma_I   ? 
_reflns.observed_criterion_sigma_F   ? 
_reflns.d_resolution_low             ? 
_reflns.d_resolution_high            2.250 
_reflns.number_obs                   ? 
_reflns.number_all                   ? 
_reflns.percent_possible_obs         ? 
_reflns.pdbx_Rmerge_I_obs            ? 
_reflns.pdbx_Rsym_value              ? 
_reflns.pdbx_netI_over_sigmaI        ? 
_reflns.B_iso_Wilson_estimate        ? 
_reflns.pdbx_redundancy              ? 
_reflns.R_free_details               ? 
_reflns.pdbx_diffrn_id               1 
_reflns.pdbx_ordinal                 1 
# 
_refine.entry_id                                 1LEY 
_refine.ls_number_reflns_obs                     2322 
_refine.ls_number_reflns_all                     ? 
_refine.pdbx_ls_sigma_I                          ? 
_refine.pdbx_ls_sigma_F                          2.000 
_refine.pdbx_data_cutoff_high_absF               ? 
_refine.pdbx_data_cutoff_low_absF                ? 
_refine.pdbx_data_cutoff_high_rms_absF           ? 
_refine.ls_d_res_low                             8.000 
_refine.ls_d_res_high                            2.250 
_refine.ls_percent_reflns_obs                    86.000 
_refine.ls_R_factor_obs                          0.1640000 
_refine.ls_R_factor_all                          ? 
_refine.ls_R_factor_R_work                       ? 
_refine.ls_R_factor_R_free                       0.2350000 
_refine.ls_R_factor_R_free_error                 ? 
_refine.ls_R_factor_R_free_error_details         ? 
_refine.ls_percent_reflns_R_free                 ? 
_refine.ls_number_reflns_R_free                  ? 
_refine.ls_number_parameters                     ? 
_refine.ls_number_restraints                     ? 
_refine.occupancy_min                            ? 
_refine.occupancy_max                            ? 
_refine.B_iso_mean                               ? 
_refine.aniso_B[1][1]                            ? 
_refine.aniso_B[2][2]                            ? 
_refine.aniso_B[3][3]                            ? 
_refine.aniso_B[1][2]                            ? 
_refine.aniso_B[1][3]                            ? 
_refine.aniso_B[2][3]                            ? 
_refine.solvent_model_details                    ? 
_refine.solvent_model_param_ksol                 ? 
_refine.solvent_model_param_bsol                 ? 
_refine.pdbx_ls_cross_valid_method               ? 
_refine.details                                  ? 
_refine.pdbx_starting_model                      ? 
_refine.pdbx_method_to_determine_struct          ? 
_refine.pdbx_isotropic_thermal_model             ? 
_refine.pdbx_stereochemistry_target_values       ? 
_refine.pdbx_stereochem_target_val_spec_case     ? 
_refine.pdbx_R_Free_selection_details            ? 
_refine.pdbx_overall_ESU_R                       ? 
_refine.pdbx_overall_ESU_R_Free                  ? 
_refine.overall_SU_ML                            ? 
_refine.overall_SU_B                             ? 
_refine.ls_redundancy_reflns_obs                 ? 
_refine.pdbx_refine_id                           'X-RAY DIFFRACTION' 
_refine.pdbx_diffrn_id                           1 
_refine.pdbx_TLS_residual_ADP_flag               ? 
_refine.correlation_coeff_Fo_to_Fc               ? 
_refine.correlation_coeff_Fo_to_Fc_free          ? 
_refine.pdbx_solvent_vdw_probe_radii             ? 
_refine.pdbx_solvent_ion_probe_radii             ? 
_refine.pdbx_solvent_shrinkage_radii             ? 
_refine.pdbx_overall_phase_error                 ? 
_refine.overall_SU_R_Cruickshank_DPI             ? 
_refine.pdbx_overall_SU_R_free_Cruickshank_DPI   ? 
_refine.pdbx_overall_SU_R_Blow_DPI               ? 
_refine.pdbx_overall_SU_R_free_Blow_DPI          ? 
# 
_refine_hist.pdbx_refine_id                   'X-RAY DIFFRACTION' 
_refine_hist.cycle_id                         LAST 
_refine_hist.pdbx_number_atoms_protein        0 
_refine_hist.pdbx_number_atoms_nucleic_acid   486 
_refine_hist.pdbx_number_atoms_ligand         31 
_refine_hist.number_atoms_solvent             37 
_refine_hist.number_atoms_total               554 
_refine_hist.d_res_high                       2.250 
_refine_hist.d_res_low                        8.000 
# 
loop_
_refine_ls_restr.type 
_refine_ls_restr.dev_ideal 
_refine_ls_restr.dev_ideal_target 
_refine_ls_restr.weight 
_refine_ls_restr.number 
_refine_ls_restr.pdbx_refine_id 
_refine_ls_restr.pdbx_restraint_function 
n_bond_d               ?     ?     ? ? 'X-RAY DIFFRACTION' ? 
n_angle_d              ?     ?     ? ? 'X-RAY DIFFRACTION' ? 
n_planar_d             ?     ?     ? ? 'X-RAY DIFFRACTION' ? 
n_hb_or_metal_coord    ?     ?     ? ? 'X-RAY DIFFRACTION' ? 
n_sugar_bond_it        5.480 6.000 ? ? 'X-RAY DIFFRACTION' ? 
n_sugar_angle_it       6.266 6.000 ? ? 'X-RAY DIFFRACTION' ? 
n_phos_bond_it         5.343 6.000 ? ? 'X-RAY DIFFRACTION' ? 
n_phos_angle_it        5.843 6.000 ? ? 'X-RAY DIFFRACTION' ? 
n_bond_angle_restr     ?     ?     ? ? 'X-RAY DIFFRACTION' ? 
n_dihedral_angle_restr ?     ?     ? ? 'X-RAY DIFFRACTION' ? 
n_impr_tor             ?     ?     ? ? 'X-RAY DIFFRACTION' ? 
n_sugar_bond_d         0.025 0.030 ? ? 'X-RAY DIFFRACTION' ? 
n_sugar_bond_angle_d   0.049 0.040 ? ? 'X-RAY DIFFRACTION' ? 
n_phos_bond_d          0.030 0.025 ? ? 'X-RAY DIFFRACTION' ? 
n_phos_bond_angle_d    0.069 0.050 ? ? 'X-RAY DIFFRACTION' ? 
n_plane_restr          0.015 0.020 ? ? 'X-RAY DIFFRACTION' ? 
n_chiral_restr         0.144 0.150 ? ? 'X-RAY DIFFRACTION' ? 
n_singtor_nbd          0.107 0.100 ? ? 'X-RAY DIFFRACTION' ? 
n_multtor_nbd          0.093 0.100 ? ? 'X-RAY DIFFRACTION' ? 
n_xhyhbond_nbd         ?     ?     ? ? 'X-RAY DIFFRACTION' ? 
# 
_struct.entry_id                  1LEY 
_struct.title                     'STRUCTURE OF A DICATIONIC MONOIMIDAZOLE LEXITROPSIN BOUND TO DNA (ORIENTATION 2)' 
_struct.pdbx_model_details        ? 
_struct.pdbx_CASP_flag            ? 
_struct.pdbx_model_type_details   ? 
# 
_struct_keywords.entry_id        1LEY 
_struct_keywords.pdbx_keywords   DNA 
_struct_keywords.text            'B-DNA, DOUBLE HELIX, COMPLEXED WITH DRUG, DNA' 
# 
loop_
_struct_asym.id 
_struct_asym.pdbx_blank_PDB_chainid_flag 
_struct_asym.pdbx_modified 
_struct_asym.entity_id 
_struct_asym.details 
A N N 1 ? 
B N N 1 ? 
C N N 2 ? 
D N N 3 ? 
E N N 3 ? 
# 
_struct_ref.id                         1 
_struct_ref.entity_id                  1 
_struct_ref.db_name                    PDB 
_struct_ref.db_code                    1LEY 
_struct_ref.pdbx_db_accession          1LEY 
_struct_ref.pdbx_db_isoform            ? 
_struct_ref.pdbx_seq_one_letter_code   ? 
_struct_ref.pdbx_align_begin           ? 
# 
loop_
_struct_ref_seq.align_id 
_struct_ref_seq.ref_id 
_struct_ref_seq.pdbx_PDB_id_code 
_struct_ref_seq.pdbx_strand_id 
_struct_ref_seq.seq_align_beg 
_struct_ref_seq.pdbx_seq_align_beg_ins_code 
_struct_ref_seq.seq_align_end 
_struct_ref_seq.pdbx_seq_align_end_ins_code 
_struct_ref_seq.pdbx_db_accession 
_struct_ref_seq.db_align_beg 
_struct_ref_seq.pdbx_db_align_beg_ins_code 
_struct_ref_seq.db_align_end 
_struct_ref_seq.pdbx_db_align_end_ins_code 
_struct_ref_seq.pdbx_auth_seq_align_beg 
_struct_ref_seq.pdbx_auth_seq_align_end 
1 1 1LEY A 1 ? 12 ? 1LEY 1  ? 12 ? 1  12 
2 1 1LEY B 1 ? 12 ? 1LEY 13 ? 24 ? 13 24 
# 
_pdbx_struct_assembly.id                   1 
_pdbx_struct_assembly.details              author_defined_assembly 
_pdbx_struct_assembly.method_details       ? 
_pdbx_struct_assembly.oligomeric_details   dimeric 
_pdbx_struct_assembly.oligomeric_count     2 
# 
_pdbx_struct_assembly_gen.assembly_id       1 
_pdbx_struct_assembly_gen.oper_expression   1 
_pdbx_struct_assembly_gen.asym_id_list      A,B,C,D,E 
# 
_pdbx_struct_oper_list.id                   1 
_pdbx_struct_oper_list.type                 'identity operation' 
_pdbx_struct_oper_list.name                 1_555 
_pdbx_struct_oper_list.symmetry_operation   x,y,z 
_pdbx_struct_oper_list.matrix[1][1]         1.0000000000 
_pdbx_struct_oper_list.matrix[1][2]         0.0000000000 
_pdbx_struct_oper_list.matrix[1][3]         0.0000000000 
_pdbx_struct_oper_list.vector[1]            0.0000000000 
_pdbx_struct_oper_list.matrix[2][1]         0.0000000000 
_pdbx_struct_oper_list.matrix[2][2]         1.0000000000 
_pdbx_struct_oper_list.matrix[2][3]         0.0000000000 
_pdbx_struct_oper_list.vector[2]            0.0000000000 
_pdbx_struct_oper_list.matrix[3][1]         0.0000000000 
_pdbx_struct_oper_list.matrix[3][2]         0.0000000000 
_pdbx_struct_oper_list.matrix[3][3]         1.0000000000 
_pdbx_struct_oper_list.vector[3]            0.0000000000 
# 
_struct_biol.id                    1 
_struct_biol.details               
;THIS ENTRY CONTAINS THE CRYSTALLOGRAPHIC ASYMMETRIC UNIT
WHICH CONSISTS OF 2 DNA CHAINS AND 1 MONOIMIDAZOLE
LEXITROPSIN MOLECULE. INDEPENDENT REFINEMENTS OF THE
STRUCTURE WERE CARRIED OUT WITH THE LEXITROPSIN MOLECULE
IN TWO DIFFERENT ORIENTATIONS. IT COULD NOT BE DETERMINED
WHICH OF THESE ORIENTATIONS WAS CORRECT. THE TWO SETS OF
COORDINATES ARE AVAILABLE IN THE PDB FILES 1LEX AND 1LEY.
;
_struct_biol.pdbx_parent_biol_id   ? 
# 
loop_
_struct_conn.id 
_struct_conn.conn_type_id 
_struct_conn.pdbx_leaving_atom_flag 
_struct_conn.pdbx_PDB_id 
_struct_conn.ptnr1_label_asym_id 
_struct_conn.ptnr1_label_comp_id 
_struct_conn.ptnr1_label_seq_id 
_struct_conn.ptnr1_label_atom_id 
_struct_conn.pdbx_ptnr1_label_alt_id 
_struct_conn.pdbx_ptnr1_PDB_ins_code 
_struct_conn.pdbx_ptnr1_standard_comp_id 
_struct_conn.ptnr1_symmetry 
_struct_conn.ptnr2_label_asym_id 
_struct_conn.ptnr2_label_comp_id 
_struct_conn.ptnr2_label_seq_id 
_struct_conn.ptnr2_label_atom_id 
_struct_conn.pdbx_ptnr2_label_alt_id 
_struct_conn.pdbx_ptnr2_PDB_ins_code 
_struct_conn.ptnr1_auth_asym_id 
_struct_conn.ptnr1_auth_comp_id 
_struct_conn.ptnr1_auth_seq_id 
_struct_conn.ptnr2_auth_asym_id 
_struct_conn.ptnr2_auth_comp_id 
_struct_conn.ptnr2_auth_seq_id 
_struct_conn.ptnr2_symmetry 
_struct_conn.pdbx_ptnr3_label_atom_id 
_struct_conn.pdbx_ptnr3_label_seq_id 
_struct_conn.pdbx_ptnr3_label_comp_id 
_struct_conn.pdbx_ptnr3_label_asym_id 
_struct_conn.pdbx_ptnr3_label_alt_id 
_struct_conn.pdbx_ptnr3_PDB_ins_code 
_struct_conn.details 
_struct_conn.pdbx_dist_value 
_struct_conn.pdbx_value_order 
_struct_conn.pdbx_role 
hydrog1  hydrog ? ? A DC 1  N3 ? ? ? 1_555 B DG 12 N1 ? ? A DC 1  B DG 24 1_555 ? ? ? ? ? ? WATSON-CRICK ? ? ? 
hydrog2  hydrog ? ? A DC 1  N4 ? ? ? 1_555 B DG 12 O6 ? ? A DC 1  B DG 24 1_555 ? ? ? ? ? ? WATSON-CRICK ? ? ? 
hydrog3  hydrog ? ? A DC 1  O2 ? ? ? 1_555 B DG 12 N2 ? ? A DC 1  B DG 24 1_555 ? ? ? ? ? ? WATSON-CRICK ? ? ? 
hydrog4  hydrog ? ? A DG 2  N1 ? ? ? 1_555 B DC 11 N3 ? ? A DG 2  B DC 23 1_555 ? ? ? ? ? ? WATSON-CRICK ? ? ? 
hydrog5  hydrog ? ? A DG 2  N2 ? ? ? 1_555 B DC 11 O2 ? ? A DG 2  B DC 23 1_555 ? ? ? ? ? ? WATSON-CRICK ? ? ? 
hydrog6  hydrog ? ? A DG 2  O6 ? ? ? 1_555 B DC 11 N4 ? ? A DG 2  B DC 23 1_555 ? ? ? ? ? ? WATSON-CRICK ? ? ? 
hydrog7  hydrog ? ? A DC 3  N3 ? ? ? 1_555 B DG 10 N1 ? ? A DC 3  B DG 22 1_555 ? ? ? ? ? ? WATSON-CRICK ? ? ? 
hydrog8  hydrog ? ? A DC 3  N4 ? ? ? 1_555 B DG 10 O6 ? ? A DC 3  B DG 22 1_555 ? ? ? ? ? ? WATSON-CRICK ? ? ? 
hydrog9  hydrog ? ? A DC 3  O2 ? ? ? 1_555 B DG 10 N2 ? ? A DC 3  B DG 22 1_555 ? ? ? ? ? ? WATSON-CRICK ? ? ? 
hydrog10 hydrog ? ? A DG 4  N1 ? ? ? 1_555 B DC 9  N3 ? ? A DG 4  B DC 21 1_555 ? ? ? ? ? ? WATSON-CRICK ? ? ? 
hydrog11 hydrog ? ? A DG 4  N2 ? ? ? 1_555 B DC 9  O2 ? ? A DG 4  B DC 21 1_555 ? ? ? ? ? ? WATSON-CRICK ? ? ? 
hydrog12 hydrog ? ? A DG 4  O6 ? ? ? 1_555 B DC 9  N4 ? ? A DG 4  B DC 21 1_555 ? ? ? ? ? ? WATSON-CRICK ? ? ? 
hydrog13 hydrog ? ? A DA 5  N1 ? ? ? 1_555 B DT 8  N3 ? ? A DA 5  B DT 20 1_555 ? ? ? ? ? ? WATSON-CRICK ? ? ? 
hydrog14 hydrog ? ? A DA 5  N6 ? ? ? 1_555 B DT 8  O4 ? ? A DA 5  B DT 20 1_555 ? ? ? ? ? ? WATSON-CRICK ? ? ? 
hydrog15 hydrog ? ? A DA 6  N1 ? ? ? 1_555 B DT 7  N3 ? ? A DA 6  B DT 19 1_555 ? ? ? ? ? ? WATSON-CRICK ? ? ? 
hydrog16 hydrog ? ? A DA 6  N6 ? ? ? 1_555 B DT 7  O4 ? ? A DA 6  B DT 19 1_555 ? ? ? ? ? ? WATSON-CRICK ? ? ? 
hydrog17 hydrog ? ? A DT 7  N3 ? ? ? 1_555 B DA 6  N1 ? ? A DT 7  B DA 18 1_555 ? ? ? ? ? ? WATSON-CRICK ? ? ? 
hydrog18 hydrog ? ? A DT 7  O4 ? ? ? 1_555 B DA 6  N6 ? ? A DT 7  B DA 18 1_555 ? ? ? ? ? ? WATSON-CRICK ? ? ? 
hydrog19 hydrog ? ? A DT 8  N3 ? ? ? 1_555 B DA 5  N1 ? ? A DT 8  B DA 17 1_555 ? ? ? ? ? ? WATSON-CRICK ? ? ? 
hydrog20 hydrog ? ? A DT 8  O4 ? ? ? 1_555 B DA 5  N6 ? ? A DT 8  B DA 17 1_555 ? ? ? ? ? ? WATSON-CRICK ? ? ? 
hydrog21 hydrog ? ? A DC 9  N3 ? ? ? 1_555 B DG 4  N1 ? ? A DC 9  B DG 16 1_555 ? ? ? ? ? ? WATSON-CRICK ? ? ? 
hydrog22 hydrog ? ? A DC 9  N4 ? ? ? 1_555 B DG 4  O6 ? ? A DC 9  B DG 16 1_555 ? ? ? ? ? ? WATSON-CRICK ? ? ? 
hydrog23 hydrog ? ? A DC 9  O2 ? ? ? 1_555 B DG 4  N2 ? ? A DC 9  B DG 16 1_555 ? ? ? ? ? ? WATSON-CRICK ? ? ? 
hydrog24 hydrog ? ? A DG 10 N1 ? ? ? 1_555 B DC 3  N3 ? ? A DG 10 B DC 15 1_555 ? ? ? ? ? ? WATSON-CRICK ? ? ? 
hydrog25 hydrog ? ? A DG 10 N2 ? ? ? 1_555 B DC 3  O2 ? ? A DG 10 B DC 15 1_555 ? ? ? ? ? ? WATSON-CRICK ? ? ? 
hydrog26 hydrog ? ? A DG 10 O6 ? ? ? 1_555 B DC 3  N4 ? ? A DG 10 B DC 15 1_555 ? ? ? ? ? ? WATSON-CRICK ? ? ? 
hydrog27 hydrog ? ? A DC 11 N3 ? ? ? 1_555 B DG 2  N1 ? ? A DC 11 B DG 14 1_555 ? ? ? ? ? ? WATSON-CRICK ? ? ? 
hydrog28 hydrog ? ? A DC 11 N4 ? ? ? 1_555 B DG 2  O6 ? ? A DC 11 B DG 14 1_555 ? ? ? ? ? ? WATSON-CRICK ? ? ? 
hydrog29 hydrog ? ? A DC 11 O2 ? ? ? 1_555 B DG 2  N2 ? ? A DC 11 B DG 14 1_555 ? ? ? ? ? ? WATSON-CRICK ? ? ? 
hydrog30 hydrog ? ? A DG 12 N1 ? ? ? 1_555 B DC 1  N3 ? ? A DG 12 B DC 13 1_555 ? ? ? ? ? ? WATSON-CRICK ? ? ? 
hydrog31 hydrog ? ? A DG 12 N2 ? ? ? 1_555 B DC 1  O2 ? ? A DG 12 B DC 13 1_555 ? ? ? ? ? ? WATSON-CRICK ? ? ? 
hydrog32 hydrog ? ? A DG 12 O6 ? ? ? 1_555 B DC 1  N4 ? ? A DG 12 B DC 13 1_555 ? ? ? ? ? ? WATSON-CRICK ? ? ? 
# 
_struct_conn_type.id          hydrog 
_struct_conn_type.criteria    ? 
_struct_conn_type.reference   ? 
# 
loop_
_struct_site.id 
_struct_site.pdbx_evidence_code 
_struct_site.pdbx_auth_asym_id 
_struct_site.pdbx_auth_comp_id 
_struct_site.pdbx_auth_seq_id 
_struct_site.pdbx_auth_ins_code 
_struct_site.pdbx_num_residues 
_struct_site.details 
AC1 Software A ILT 25 ? 12 'BINDING SITE FOR RESIDUE ILT A 25' 
1   ?        ? ?   ?  ? ?  ?                                   
# 
loop_
_struct_site_gen.id 
_struct_site_gen.site_id 
_struct_site_gen.pdbx_num_res 
_struct_site_gen.label_comp_id 
_struct_site_gen.label_asym_id 
_struct_site_gen.label_seq_id 
_struct_site_gen.pdbx_auth_ins_code 
_struct_site_gen.auth_comp_id 
_struct_site_gen.auth_asym_id 
_struct_site_gen.auth_seq_id 
_struct_site_gen.label_atom_id 
_struct_site_gen.label_alt_id 
_struct_site_gen.symmetry 
_struct_site_gen.details 
1  AC1 12 DA  A 5 ? DA  A 5  . ? 1_555 ? 
2  AC1 12 DA  A 6 ? DA  A 6  . ? 1_555 ? 
3  AC1 12 DT  A 7 ? DT  A 7  . ? 1_555 ? 
4  AC1 12 DT  A 8 ? DT  A 8  . ? 1_555 ? 
5  AC1 12 DC  A 9 ? DC  A 9  . ? 1_555 ? 
6  AC1 12 HOH D . ? HOH A 56 . ? 1_555 ? 
7  AC1 12 DG  B 4 ? DG  B 16 . ? 1_555 ? 
8  AC1 12 DA  B 5 ? DA  B 17 . ? 1_555 ? 
9  AC1 12 DA  B 6 ? DA  B 18 . ? 1_555 ? 
10 AC1 12 DT  B 7 ? DT  B 19 . ? 1_555 ? 
11 AC1 12 DT  B 8 ? DT  B 20 . ? 1_555 ? 
12 AC1 12 DC  B 9 ? DC  B 21 . ? 1_555 ? 
# 
loop_
_pdbx_validate_rmsd_bond.id 
_pdbx_validate_rmsd_bond.PDB_model_num 
_pdbx_validate_rmsd_bond.auth_atom_id_1 
_pdbx_validate_rmsd_bond.auth_asym_id_1 
_pdbx_validate_rmsd_bond.auth_comp_id_1 
_pdbx_validate_rmsd_bond.auth_seq_id_1 
_pdbx_validate_rmsd_bond.PDB_ins_code_1 
_pdbx_validate_rmsd_bond.label_alt_id_1 
_pdbx_validate_rmsd_bond.auth_atom_id_2 
_pdbx_validate_rmsd_bond.auth_asym_id_2 
_pdbx_validate_rmsd_bond.auth_comp_id_2 
_pdbx_validate_rmsd_bond.auth_seq_id_2 
_pdbx_validate_rmsd_bond.PDB_ins_code_2 
_pdbx_validate_rmsd_bond.label_alt_id_2 
_pdbx_validate_rmsd_bond.bond_value 
_pdbx_validate_rmsd_bond.bond_target_value 
_pdbx_validate_rmsd_bond.bond_deviation 
_pdbx_validate_rmsd_bond.bond_standard_deviation 
_pdbx_validate_rmsd_bond.linker_flag 
1  1 "O4'" A DC 1  ? ? "C4'" A DC 1  ? ? 1.376 1.446 -0.070 0.010 N 
2  1 "C2'" A DC 3  ? ? "C1'" A DC 3  ? ? 1.434 1.518 -0.084 0.010 N 
3  1 C5    A DG 4  ? ? N7    A DG 4  ? ? 1.442 1.388 0.054  0.006 N 
4  1 "O3'" A DA 6  ? ? "C3'" A DA 6  ? ? 1.365 1.419 -0.054 0.006 N 
5  1 "O4'" A DT 7  ? ? "C4'" A DT 7  ? ? 1.376 1.446 -0.070 0.010 N 
6  1 "O3'" A DT 8  ? ? "C3'" A DT 8  ? ? 1.367 1.419 -0.052 0.006 N 
7  1 C4    A DT 8  ? ? O4    A DT 8  ? ? 1.289 1.228 0.061  0.009 N 
8  1 N3    A DC 9  ? ? C4    A DC 9  ? ? 1.386 1.335 0.051  0.007 N 
9  1 C4    A DG 10 ? ? C5    A DG 10 ? ? 1.330 1.379 -0.049 0.007 N 
10 1 C5    A DG 10 ? ? N7    A DG 10 ? ? 1.437 1.388 0.049  0.006 N 
11 1 "C5'" A DC 11 ? ? "C4'" A DC 11 ? ? 1.435 1.509 -0.074 0.011 N 
12 1 N1    A DC 11 ? ? C6    A DC 11 ? ? 1.330 1.367 -0.037 0.006 N 
13 1 N1    A DG 12 ? ? C2    A DG 12 ? ? 1.311 1.373 -0.062 0.008 N 
14 1 N7    B DG 14 ? ? C8    B DG 14 ? ? 1.264 1.305 -0.041 0.006 N 
15 1 P     B DC 15 ? ? "O5'" B DC 15 ? ? 1.533 1.593 -0.060 0.010 N 
16 1 "C2'" B DC 15 ? ? "C1'" B DC 15 ? ? 1.419 1.518 -0.099 0.010 N 
17 1 "O4'" B DC 15 ? ? "C4'" B DC 15 ? ? 1.386 1.446 -0.060 0.010 N 
18 1 "O4'" B DG 16 ? ? "C4'" B DG 16 ? ? 1.366 1.446 -0.080 0.010 N 
19 1 "O3'" B DA 17 ? ? "C3'" B DA 17 ? ? 1.374 1.419 -0.045 0.006 N 
20 1 N1    B DA 17 ? ? C2    B DA 17 ? ? 1.398 1.339 0.059  0.009 N 
21 1 C5    B DA 17 ? ? N7    B DA 17 ? ? 1.428 1.388 0.040  0.006 N 
22 1 "O3'" B DA 17 ? ? P     B DA 18 ? ? 1.533 1.607 -0.074 0.012 Y 
23 1 C4    B DT 19 ? ? C5    B DT 19 ? ? 1.372 1.445 -0.073 0.009 N 
24 1 C4    B DT 20 ? ? C5    B DT 20 ? ? 1.388 1.445 -0.057 0.009 N 
25 1 C4    B DT 20 ? ? O4    B DT 20 ? ? 1.290 1.228 0.062  0.009 N 
26 1 C2    B DC 21 ? ? O2    B DC 21 ? ? 1.175 1.240 -0.065 0.009 N 
27 1 C5    B DG 22 ? ? N7    B DG 22 ? ? 1.425 1.388 0.037  0.006 N 
28 1 N7    B DG 22 ? ? C8    B DG 22 ? ? 1.356 1.305 0.051  0.006 N 
29 1 "C2'" B DC 23 ? ? "C1'" B DC 23 ? ? 1.452 1.518 -0.066 0.010 N 
30 1 C2    B DC 23 ? ? N3    B DC 23 ? ? 1.403 1.353 0.050  0.008 N 
31 1 "O5'" B DG 24 ? ? "C5'" B DG 24 ? ? 1.222 1.418 -0.196 0.025 N 
# 
loop_
_pdbx_validate_rmsd_angle.id 
_pdbx_validate_rmsd_angle.PDB_model_num 
_pdbx_validate_rmsd_angle.auth_atom_id_1 
_pdbx_validate_rmsd_angle.auth_asym_id_1 
_pdbx_validate_rmsd_angle.auth_comp_id_1 
_pdbx_validate_rmsd_angle.auth_seq_id_1 
_pdbx_validate_rmsd_angle.PDB_ins_code_1 
_pdbx_validate_rmsd_angle.label_alt_id_1 
_pdbx_validate_rmsd_angle.auth_atom_id_2 
_pdbx_validate_rmsd_angle.auth_asym_id_2 
_pdbx_validate_rmsd_angle.auth_comp_id_2 
_pdbx_validate_rmsd_angle.auth_seq_id_2 
_pdbx_validate_rmsd_angle.PDB_ins_code_2 
_pdbx_validate_rmsd_angle.label_alt_id_2 
_pdbx_validate_rmsd_angle.auth_atom_id_3 
_pdbx_validate_rmsd_angle.auth_asym_id_3 
_pdbx_validate_rmsd_angle.auth_comp_id_3 
_pdbx_validate_rmsd_angle.auth_seq_id_3 
_pdbx_validate_rmsd_angle.PDB_ins_code_3 
_pdbx_validate_rmsd_angle.label_alt_id_3 
_pdbx_validate_rmsd_angle.angle_value 
_pdbx_validate_rmsd_angle.angle_target_value 
_pdbx_validate_rmsd_angle.angle_deviation 
_pdbx_validate_rmsd_angle.angle_standard_deviation 
_pdbx_validate_rmsd_angle.linker_flag 
1   1 "O4'" A DC 1  ? ? "C1'" A DC 1  ? ? "C2'" A DC 1  ? ? 99.53  105.90 -6.37  0.80 N 
2   1 "O4'" A DC 1  ? ? "C1'" A DC 1  ? ? N1    A DC 1  ? ? 112.32 108.30 4.02   0.30 N 
3   1 C2    A DC 1  ? ? N3    A DC 1  ? ? C4    A DC 1  ? ? 123.48 119.90 3.58   0.50 N 
4   1 N3    A DC 1  ? ? C4    A DC 1  ? ? C5    A DC 1  ? ? 118.63 121.90 -3.27  0.40 N 
5   1 N1    A DC 1  ? ? C2    A DC 1  ? ? O2    A DC 1  ? ? 125.24 118.90 6.34   0.60 N 
6   1 "O5'" A DG 2  ? ? P     A DG 2  ? ? OP1   A DG 2  ? ? 122.87 110.70 12.17  1.20 N 
7   1 "O5'" A DG 2  ? ? "C5'" A DG 2  ? ? "C4'" A DG 2  ? ? 96.90  109.40 -12.50 0.80 N 
8   1 "C3'" A DG 2  ? ? "O3'" A DG 2  ? ? P     A DC 3  ? ? 136.66 119.70 16.96  1.20 Y 
9   1 "O3'" A DG 2  ? ? P     A DC 3  ? ? OP1   A DC 3  ? ? 122.32 110.50 11.82  1.10 Y 
10  1 "O4'" A DC 3  ? ? "C1'" A DC 3  ? ? "C2'" A DC 3  ? ? 115.36 106.80 8.56   0.50 N 
11  1 N1    A DC 3  ? ? "C1'" A DC 3  ? ? "C2'" A DC 3  ? ? 99.96  112.60 -12.64 1.90 N 
12  1 C6    A DC 3  ? ? N1    A DC 3  ? ? C2    A DC 3  ? ? 124.17 120.30 3.87   0.40 N 
13  1 N1    A DC 3  ? ? C2    A DC 3  ? ? N3    A DC 3  ? ? 114.99 119.20 -4.21  0.70 N 
14  1 C2    A DC 3  ? ? N3    A DC 3  ? ? C4    A DC 3  ? ? 123.35 119.90 3.45   0.50 N 
15  1 C5    A DC 3  ? ? C4    A DC 3  ? ? N4    A DC 3  ? ? 124.65 120.20 4.45   0.70 N 
16  1 C2    A DC 3  ? ? N1    A DC 3  ? ? "C1'" A DC 3  ? ? 109.84 118.80 -8.96  1.10 N 
17  1 "C3'" A DC 3  ? ? "O3'" A DC 3  ? ? P     A DG 4  ? ? 136.87 119.70 17.17  1.20 Y 
18  1 "O5'" A DG 4  ? ? "C5'" A DG 4  ? ? "C4'" A DG 4  ? ? 100.70 109.40 -8.70  0.80 N 
19  1 P     A DG 4  ? ? "O5'" A DG 4  ? ? "C5'" A DG 4  ? ? 110.24 120.90 -10.66 1.60 N 
20  1 "C3'" A DG 4  ? ? "C2'" A DG 4  ? ? "C1'" A DG 4  ? ? 96.47  102.40 -5.93  0.80 N 
21  1 OP1   A DA 5  ? ? P     A DA 5  ? ? OP2   A DA 5  ? ? 129.12 119.60 9.52   1.50 N 
22  1 "O4'" A DA 5  ? ? "C1'" A DA 5  ? ? N9    A DA 5  ? ? 110.45 108.30 2.15   0.30 N 
23  1 C5    A DA 5  ? ? C6    A DA 5  ? ? N1    A DA 5  ? ? 113.84 117.70 -3.86  0.50 N 
24  1 N1    A DA 5  ? ? C6    A DA 5  ? ? N6    A DA 5  ? ? 125.20 118.60 6.60   0.60 N 
25  1 "C3'" A DA 5  ? ? "O3'" A DA 5  ? ? P     A DA 6  ? ? 129.43 119.70 9.73   1.20 Y 
26  1 "O5'" A DA 6  ? ? "C5'" A DA 6  ? ? "C4'" A DA 6  ? ? 104.45 109.40 -4.95  0.80 N 
27  1 "C3'" A DA 6  ? ? "C2'" A DA 6  ? ? "C1'" A DA 6  ? ? 94.37  102.40 -8.03  0.80 N 
28  1 C6    A DA 6  ? ? N1    A DA 6  ? ? C2    A DA 6  ? ? 123.25 118.60 4.65   0.60 N 
29  1 N1    A DA 6  ? ? C2    A DA 6  ? ? N3    A DA 6  ? ? 123.75 129.30 -5.55  0.50 N 
30  1 C5    A DA 6  ? ? C6    A DA 6  ? ? N1    A DA 6  ? ? 114.57 117.70 -3.13  0.50 N 
31  1 N1    A DA 6  ? ? C6    A DA 6  ? ? N6    A DA 6  ? ? 122.62 118.60 4.02   0.60 N 
32  1 "O3'" A DA 6  ? ? P     A DT 7  ? ? "O5'" A DT 7  ? ? 86.65  104.00 -17.35 1.90 Y 
33  1 "O3'" A DA 6  ? ? P     A DT 7  ? ? OP1   A DT 7  ? ? 121.00 110.50 10.50  1.10 Y 
34  1 "O5'" A DT 7  ? ? "C5'" A DT 7  ? ? "C4'" A DT 7  ? ? 99.30  109.40 -10.10 0.80 N 
35  1 N1    A DT 7  ? ? C2    A DT 7  ? ? N3    A DT 7  ? ? 119.47 114.60 4.87   0.60 N 
36  1 C2    A DT 7  ? ? N3    A DT 7  ? ? C4    A DT 7  ? ? 120.95 127.20 -6.25  0.60 N 
37  1 C5    A DT 7  ? ? C6    A DT 7  ? ? N1    A DT 7  ? ? 117.42 123.70 -6.28  0.60 N 
38  1 N3    A DT 7  ? ? C2    A DT 7  ? ? O2    A DT 7  ? ? 117.63 122.30 -4.67  0.60 N 
39  1 "O5'" A DT 8  ? ? "C5'" A DT 8  ? ? "C4'" A DT 8  ? ? 102.78 109.40 -6.62  0.80 N 
40  1 "C1'" A DT 8  ? ? "O4'" A DT 8  ? ? "C4'" A DT 8  ? ? 101.78 110.10 -8.32  1.00 N 
41  1 "O4'" A DT 8  ? ? "C1'" A DT 8  ? ? N1    A DT 8  ? ? 103.11 108.00 -4.89  0.70 N 
42  1 C2    A DT 8  ? ? N3    A DT 8  ? ? C4    A DT 8  ? ? 121.27 127.20 -5.93  0.60 N 
43  1 N3    A DT 8  ? ? C4    A DT 8  ? ? C5    A DT 8  ? ? 120.25 115.20 5.05   0.60 N 
44  1 N1    A DT 8  ? ? C2    A DT 8  ? ? O2    A DT 8  ? ? 115.87 123.10 -7.23  0.80 N 
45  1 N3    A DT 8  ? ? C2    A DT 8  ? ? O2    A DT 8  ? ? 126.48 122.30 4.18   0.60 N 
46  1 "C3'" A DT 8  ? ? "O3'" A DT 8  ? ? P     A DC 9  ? ? 148.60 119.70 28.90  1.20 Y 
47  1 OP1   A DC 9  ? ? P     A DC 9  ? ? OP2   A DC 9  ? ? 103.25 119.60 -16.35 1.50 N 
48  1 "O5'" A DC 9  ? ? P     A DC 9  ? ? OP2   A DC 9  ? ? 126.31 110.70 15.61  1.20 N 
49  1 "O5'" A DG 10 ? ? "C5'" A DG 10 ? ? "C4'" A DG 10 ? ? 102.93 109.40 -6.47  0.80 N 
50  1 "C3'" A DG 10 ? ? "C2'" A DG 10 ? ? "C1'" A DG 10 ? ? 97.58  102.40 -4.82  0.80 N 
51  1 "O4'" A DG 10 ? ? "C1'" A DG 10 ? ? N9    A DG 10 ? ? 115.55 108.30 7.25   0.30 N 
52  1 N3    A DG 10 ? ? C2    A DG 10 ? ? N2    A DG 10 ? ? 114.44 119.90 -5.46  0.70 N 
53  1 C5    A DG 10 ? ? C6    A DG 10 ? ? O6    A DG 10 ? ? 124.08 128.60 -4.52  0.60 N 
54  1 "O4'" A DC 11 ? ? "C1'" A DC 11 ? ? N1    A DC 11 ? ? 103.27 108.00 -4.73  0.70 N 
55  1 N3    A DC 11 ? ? C4    A DC 11 ? ? C5    A DC 11 ? ? 118.99 121.90 -2.91  0.40 N 
56  1 P     A DG 12 ? ? "O5'" A DG 12 ? ? "C5'" A DG 12 ? ? 134.32 120.90 13.42  1.60 N 
57  1 "O4'" A DG 12 ? ? "C4'" A DG 12 ? ? "C3'" A DG 12 ? ? 100.11 104.50 -4.39  0.40 N 
58  1 "C1'" A DG 12 ? ? "O4'" A DG 12 ? ? "C4'" A DG 12 ? ? 102.00 110.10 -8.10  1.00 N 
59  1 "O4'" A DG 12 ? ? "C1'" A DG 12 ? ? N9    A DG 12 ? ? 101.14 108.00 -6.86  0.70 N 
60  1 "O4'" B DC 13 ? ? "C1'" B DC 13 ? ? N1    B DC 13 ? ? 112.54 108.30 4.24   0.30 N 
61  1 N3    B DC 13 ? ? C4    B DC 13 ? ? C5    B DC 13 ? ? 118.16 121.90 -3.74  0.40 N 
62  1 N1    B DC 13 ? ? C2    B DC 13 ? ? O2    B DC 13 ? ? 124.91 118.90 6.01   0.60 N 
63  1 N3    B DC 13 ? ? C2    B DC 13 ? ? O2    B DC 13 ? ? 117.26 121.90 -4.64  0.70 N 
64  1 C5    B DC 13 ? ? C4    B DC 13 ? ? N4    B DC 13 ? ? 125.13 120.20 4.93   0.70 N 
65  1 "C3'" B DC 13 ? ? "O3'" B DC 13 ? ? P     B DG 14 ? ? 129.79 119.70 10.09  1.20 Y 
66  1 C6    B DG 14 ? ? N1    B DG 14 ? ? C2    B DG 14 ? ? 119.38 125.10 -5.72  0.60 N 
67  1 N1    B DG 14 ? ? C2    B DG 14 ? ? N3    B DG 14 ? ? 128.94 123.90 5.04   0.60 N 
68  1 C5    B DG 14 ? ? C6    B DG 14 ? ? N1    B DG 14 ? ? 114.65 111.50 3.15   0.50 N 
69  1 C4    B DG 14 ? ? C5    B DG 14 ? ? N7    B DG 14 ? ? 108.30 110.80 -2.50  0.40 N 
70  1 N3    B DG 14 ? ? C2    B DG 14 ? ? N2    B DG 14 ? ? 113.28 119.90 -6.62  0.70 N 
71  1 C5    B DG 14 ? ? C6    B DG 14 ? ? O6    B DG 14 ? ? 123.92 128.60 -4.68  0.60 N 
72  1 "O5'" B DC 15 ? ? "C5'" B DC 15 ? ? "C4'" B DC 15 ? ? 104.23 109.40 -5.17  0.80 N 
73  1 "C3'" B DC 15 ? ? "C2'" B DC 15 ? ? "C1'" B DC 15 ? ? 111.30 102.50 8.80   1.20 N 
74  1 "O4'" B DC 15 ? ? "C1'" B DC 15 ? ? N1    B DC 15 ? ? 102.53 108.00 -5.47  0.70 N 
75  1 N3    B DC 15 ? ? C4    B DC 15 ? ? N4    B DC 15 ? ? 124.37 118.00 6.37   0.70 N 
76  1 C5    B DC 15 ? ? C4    B DC 15 ? ? N4    B DC 15 ? ? 114.48 120.20 -5.72  0.70 N 
77  1 "O5'" B DG 16 ? ? "C5'" B DG 16 ? ? "C4'" B DG 16 ? ? 103.66 109.40 -5.74  0.80 N 
78  1 N1    B DG 16 ? ? C2    B DG 16 ? ? N3    B DG 16 ? ? 127.57 123.90 3.67   0.60 N 
79  1 "C3'" B DG 16 ? ? "O3'" B DG 16 ? ? P     B DA 17 ? ? 131.66 119.70 11.96  1.20 Y 
80  1 OP1   B DA 17 ? ? P     B DA 17 ? ? OP2   B DA 17 ? ? 109.72 119.60 -9.88  1.50 N 
81  1 "O5'" B DA 17 ? ? P     B DA 17 ? ? OP2   B DA 17 ? ? 117.90 110.70 7.20   1.20 N 
82  1 "O4'" B DA 17 ? ? "C4'" B DA 17 ? ? "C3'" B DA 17 ? ? 101.81 104.50 -2.69  0.40 N 
83  1 "O4'" B DA 17 ? ? "C1'" B DA 17 ? ? N9    B DA 17 ? ? 115.88 108.30 7.58   0.30 N 
84  1 "C3'" B DA 17 ? ? "O3'" B DA 17 ? ? P     B DA 18 ? ? 135.41 119.70 15.71  1.20 Y 
85  1 "O4'" B DA 18 ? ? "C4'" B DA 18 ? ? "C3'" B DA 18 ? ? 102.01 104.50 -2.49  0.40 N 
86  1 "O4'" B DA 18 ? ? "C1'" B DA 18 ? ? N9    B DA 18 ? ? 113.14 108.30 4.84   0.30 N 
87  1 N1    B DA 18 ? ? C2    B DA 18 ? ? N3    B DA 18 ? ? 125.10 129.30 -4.20  0.50 N 
88  1 N1    B DA 18 ? ? C6    B DA 18 ? ? N6    B DA 18 ? ? 124.28 118.60 5.68   0.60 N 
89  1 "C3'" B DA 18 ? ? "O3'" B DA 18 ? ? P     B DT 19 ? ? 129.93 119.70 10.23  1.20 Y 
90  1 "O5'" B DT 19 ? ? P     B DT 19 ? ? OP2   B DT 19 ? ? 117.97 110.70 7.27   1.20 N 
91  1 "C1'" B DT 19 ? ? "O4'" B DT 19 ? ? "C4'" B DT 19 ? ? 104.08 110.10 -6.02  1.00 N 
92  1 "O4'" B DT 19 ? ? "C1'" B DT 19 ? ? "C2'" B DT 19 ? ? 98.02  105.90 -7.88  0.80 N 
93  1 C2    B DT 19 ? ? N3    B DT 19 ? ? C4    B DT 19 ? ? 122.73 127.20 -4.47  0.60 N 
94  1 N3    B DT 19 ? ? C4    B DT 19 ? ? C5    B DT 19 ? ? 120.21 115.20 5.01   0.60 N 
95  1 N3    B DT 19 ? ? C4    B DT 19 ? ? O4    B DT 19 ? ? 115.99 119.90 -3.91  0.60 N 
96  1 "O5'" B DT 20 ? ? P     B DT 20 ? ? OP2   B DT 20 ? ? 124.58 110.70 13.88  1.20 N 
97  1 P     B DT 20 ? ? "O5'" B DT 20 ? ? "C5'" B DT 20 ? ? 110.16 120.90 -10.74 1.60 N 
98  1 "C1'" B DT 20 ? ? "O4'" B DT 20 ? ? "C4'" B DT 20 ? ? 103.49 110.10 -6.61  1.00 N 
99  1 "O4'" B DT 20 ? ? "C1'" B DT 20 ? ? N1    B DT 20 ? ? 99.07  108.00 -8.93  0.70 N 
100 1 N1    B DT 20 ? ? C2    B DT 20 ? ? N3    B DT 20 ? ? 118.33 114.60 3.73   0.60 N 
101 1 C2    B DT 20 ? ? N3    B DT 20 ? ? C4    B DT 20 ? ? 121.72 127.20 -5.48  0.60 N 
102 1 C5    B DT 20 ? ? C6    B DT 20 ? ? N1    B DT 20 ? ? 118.67 123.70 -5.03  0.60 N 
103 1 N3    B DT 20 ? ? C4    B DT 20 ? ? O4    B DT 20 ? ? 115.64 119.90 -4.26  0.60 N 
104 1 C6    B DT 20 ? ? C5    B DT 20 ? ? C7    B DT 20 ? ? 119.18 122.90 -3.72  0.60 N 
105 1 "C3'" B DT 20 ? ? "O3'" B DT 20 ? ? P     B DC 21 ? ? 127.79 119.70 8.09   1.20 Y 
106 1 "O5'" B DC 21 ? ? P     B DC 21 ? ? OP1   B DC 21 ? ? 99.45  105.70 -6.25  0.90 N 
107 1 "O5'" B DC 21 ? ? P     B DC 21 ? ? OP2   B DC 21 ? ? 119.43 110.70 8.73   1.20 N 
108 1 "O4'" B DC 21 ? ? "C1'" B DC 21 ? ? N1    B DC 21 ? ? 103.50 108.00 -4.50  0.70 N 
109 1 C4    B DC 21 ? ? C5    B DC 21 ? ? C6    B DC 21 ? ? 120.87 117.40 3.47   0.50 N 
110 1 "C3'" B DC 21 ? ? "O3'" B DC 21 ? ? P     B DG 22 ? ? 131.33 119.70 11.63  1.20 Y 
111 1 "O4'" B DG 22 ? ? "C1'" B DG 22 ? ? "C2'" B DG 22 ? ? 98.65  105.90 -7.25  0.80 N 
112 1 "O4'" B DG 22 ? ? "C1'" B DG 22 ? ? N9    B DG 22 ? ? 110.91 108.30 2.61   0.30 N 
113 1 C5    B DG 22 ? ? N7    B DG 22 ? ? C8    B DG 22 ? ? 100.37 104.30 -3.93  0.50 N 
114 1 "C3'" B DC 23 ? ? "O3'" B DC 23 ? ? P     B DG 24 ? ? 129.08 119.70 9.38   1.20 Y 
115 1 OP1   B DG 24 ? ? P     B DG 24 ? ? OP2   B DG 24 ? ? 131.94 119.60 12.34  1.50 N 
116 1 "O5'" B DG 24 ? ? "C5'" B DG 24 ? ? "C4'" B DG 24 ? ? 102.25 109.40 -7.15  0.80 N 
117 1 "O4'" B DG 24 ? ? "C4'" B DG 24 ? ? "C3'" B DG 24 ? ? 100.82 104.50 -3.68  0.40 N 
118 1 "O4'" B DG 24 ? ? "C1'" B DG 24 ? ? N9    B DG 24 ? ? 115.67 108.30 7.37   0.30 N 
119 1 C5    B DG 24 ? ? C6    B DG 24 ? ? N1    B DG 24 ? ? 116.93 111.50 5.43   0.50 N 
120 1 C5    B DG 24 ? ? C6    B DG 24 ? ? O6    B DG 24 ? ? 123.46 128.60 -5.14  0.60 N 
# 
_pdbx_validate_planes.id              1 
_pdbx_validate_planes.PDB_model_num   1 
_pdbx_validate_planes.auth_comp_id    DG 
_pdbx_validate_planes.auth_asym_id    B 
_pdbx_validate_planes.auth_seq_id     24 
_pdbx_validate_planes.PDB_ins_code    ? 
_pdbx_validate_planes.label_alt_id    ? 
_pdbx_validate_planes.rmsd            0.065 
_pdbx_validate_planes.type            'SIDE CHAIN' 
# 
_struct_site_keywords.site_id   1 
_struct_site_keywords.text      'MINOR GROOVE BINDER' 
# 
loop_
_chem_comp_atom.comp_id 
_chem_comp_atom.atom_id 
_chem_comp_atom.type_symbol 
_chem_comp_atom.pdbx_aromatic_flag 
_chem_comp_atom.pdbx_stereo_config 
_chem_comp_atom.pdbx_ordinal 
DA  OP3    O N N 1   
DA  P      P N N 2   
DA  OP1    O N N 3   
DA  OP2    O N N 4   
DA  "O5'"  O N N 5   
DA  "C5'"  C N N 6   
DA  "C4'"  C N R 7   
DA  "O4'"  O N N 8   
DA  "C3'"  C N S 9   
DA  "O3'"  O N N 10  
DA  "C2'"  C N N 11  
DA  "C1'"  C N R 12  
DA  N9     N Y N 13  
DA  C8     C Y N 14  
DA  N7     N Y N 15  
DA  C5     C Y N 16  
DA  C6     C Y N 17  
DA  N6     N N N 18  
DA  N1     N Y N 19  
DA  C2     C Y N 20  
DA  N3     N Y N 21  
DA  C4     C Y N 22  
DA  HOP3   H N N 23  
DA  HOP2   H N N 24  
DA  "H5'"  H N N 25  
DA  "H5''" H N N 26  
DA  "H4'"  H N N 27  
DA  "H3'"  H N N 28  
DA  "HO3'" H N N 29  
DA  "H2'"  H N N 30  
DA  "H2''" H N N 31  
DA  "H1'"  H N N 32  
DA  H8     H N N 33  
DA  H61    H N N 34  
DA  H62    H N N 35  
DA  H2     H N N 36  
DC  OP3    O N N 37  
DC  P      P N N 38  
DC  OP1    O N N 39  
DC  OP2    O N N 40  
DC  "O5'"  O N N 41  
DC  "C5'"  C N N 42  
DC  "C4'"  C N R 43  
DC  "O4'"  O N N 44  
DC  "C3'"  C N S 45  
DC  "O3'"  O N N 46  
DC  "C2'"  C N N 47  
DC  "C1'"  C N R 48  
DC  N1     N N N 49  
DC  C2     C N N 50  
DC  O2     O N N 51  
DC  N3     N N N 52  
DC  C4     C N N 53  
DC  N4     N N N 54  
DC  C5     C N N 55  
DC  C6     C N N 56  
DC  HOP3   H N N 57  
DC  HOP2   H N N 58  
DC  "H5'"  H N N 59  
DC  "H5''" H N N 60  
DC  "H4'"  H N N 61  
DC  "H3'"  H N N 62  
DC  "HO3'" H N N 63  
DC  "H2'"  H N N 64  
DC  "H2''" H N N 65  
DC  "H1'"  H N N 66  
DC  H41    H N N 67  
DC  H42    H N N 68  
DC  H5     H N N 69  
DC  H6     H N N 70  
DG  OP3    O N N 71  
DG  P      P N N 72  
DG  OP1    O N N 73  
DG  OP2    O N N 74  
DG  "O5'"  O N N 75  
DG  "C5'"  C N N 76  
DG  "C4'"  C N R 77  
DG  "O4'"  O N N 78  
DG  "C3'"  C N S 79  
DG  "O3'"  O N N 80  
DG  "C2'"  C N N 81  
DG  "C1'"  C N R 82  
DG  N9     N Y N 83  
DG  C8     C Y N 84  
DG  N7     N Y N 85  
DG  C5     C Y N 86  
DG  C6     C N N 87  
DG  O6     O N N 88  
DG  N1     N N N 89  
DG  C2     C N N 90  
DG  N2     N N N 91  
DG  N3     N N N 92  
DG  C4     C Y N 93  
DG  HOP3   H N N 94  
DG  HOP2   H N N 95  
DG  "H5'"  H N N 96  
DG  "H5''" H N N 97  
DG  "H4'"  H N N 98  
DG  "H3'"  H N N 99  
DG  "HO3'" H N N 100 
DG  "H2'"  H N N 101 
DG  "H2''" H N N 102 
DG  "H1'"  H N N 103 
DG  H8     H N N 104 
DG  H1     H N N 105 
DG  H21    H N N 106 
DG  H22    H N N 107 
DT  OP3    O N N 108 
DT  P      P N N 109 
DT  OP1    O N N 110 
DT  OP2    O N N 111 
DT  "O5'"  O N N 112 
DT  "C5'"  C N N 113 
DT  "C4'"  C N R 114 
DT  "O4'"  O N N 115 
DT  "C3'"  C N S 116 
DT  "O3'"  O N N 117 
DT  "C2'"  C N N 118 
DT  "C1'"  C N R 119 
DT  N1     N N N 120 
DT  C2     C N N 121 
DT  O2     O N N 122 
DT  N3     N N N 123 
DT  C4     C N N 124 
DT  O4     O N N 125 
DT  C5     C N N 126 
DT  C7     C N N 127 
DT  C6     C N N 128 
DT  HOP3   H N N 129 
DT  HOP2   H N N 130 
DT  "H5'"  H N N 131 
DT  "H5''" H N N 132 
DT  "H4'"  H N N 133 
DT  "H3'"  H N N 134 
DT  "HO3'" H N N 135 
DT  "H2'"  H N N 136 
DT  "H2''" H N N 137 
DT  "H1'"  H N N 138 
DT  H3     H N N 139 
DT  H71    H N N 140 
DT  H72    H N N 141 
DT  H73    H N N 142 
DT  H6     H N N 143 
HOH O      O N N 144 
HOH H1     H N N 145 
HOH H2     H N N 146 
ILT N1     N N N 147 
ILT N2     N N N 148 
ILT C1     C N N 149 
ILT N3     N N N 150 
ILT C2     C N N 151 
ILT C3     C N N 152 
ILT O1     O N N 153 
ILT N4     N N N 154 
ILT C4     C Y N 155 
ILT N5     N Y N 156 
ILT C6     C Y N 157 
ILT C7     C Y N 158 
ILT C8     C N N 159 
ILT N11    N Y N 160 
ILT C9     C N N 161 
ILT O2     O N N 162 
ILT N6     N N N 163 
ILT C10    C Y N 164 
ILT C11    C Y N 165 
ILT C12    C Y N 166 
ILT C13    C Y N 167 
ILT N7     N Y N 168 
ILT C14    C N N 169 
ILT C15    C N N 170 
ILT O3     O N N 171 
ILT N8     N N N 172 
ILT C16    C N N 173 
ILT C17    C N N 174 
ILT C18    C N N 175 
ILT N9     N N N 176 
ILT N10    N N N 177 
ILT H1     H N N 178 
ILT H2     H N N 179 
ILT H3     H N N 180 
ILT H4     H N N 181 
ILT H5     H N N 182 
ILT H6     H N N 183 
ILT H7     H N N 184 
ILT H8     H N N 185 
ILT H9     H N N 186 
ILT H10    H N N 187 
ILT H11    H N N 188 
ILT H12    H N N 189 
ILT H13    H N N 190 
ILT H14    H N N 191 
ILT H15    H N N 192 
ILT H16    H N N 193 
ILT H17    H N N 194 
ILT H18    H N N 195 
ILT H19    H N N 196 
ILT H20    H N N 197 
ILT H21    H N N 198 
ILT H22    H N N 199 
ILT H23    H N N 200 
ILT H24    H N N 201 
ILT H25    H N N 202 
# 
loop_
_chem_comp_bond.comp_id 
_chem_comp_bond.atom_id_1 
_chem_comp_bond.atom_id_2 
_chem_comp_bond.value_order 
_chem_comp_bond.pdbx_aromatic_flag 
_chem_comp_bond.pdbx_stereo_config 
_chem_comp_bond.pdbx_ordinal 
DA  OP3   P      sing N N 1   
DA  OP3   HOP3   sing N N 2   
DA  P     OP1    doub N N 3   
DA  P     OP2    sing N N 4   
DA  P     "O5'"  sing N N 5   
DA  OP2   HOP2   sing N N 6   
DA  "O5'" "C5'"  sing N N 7   
DA  "C5'" "C4'"  sing N N 8   
DA  "C5'" "H5'"  sing N N 9   
DA  "C5'" "H5''" sing N N 10  
DA  "C4'" "O4'"  sing N N 11  
DA  "C4'" "C3'"  sing N N 12  
DA  "C4'" "H4'"  sing N N 13  
DA  "O4'" "C1'"  sing N N 14  
DA  "C3'" "O3'"  sing N N 15  
DA  "C3'" "C2'"  sing N N 16  
DA  "C3'" "H3'"  sing N N 17  
DA  "O3'" "HO3'" sing N N 18  
DA  "C2'" "C1'"  sing N N 19  
DA  "C2'" "H2'"  sing N N 20  
DA  "C2'" "H2''" sing N N 21  
DA  "C1'" N9     sing N N 22  
DA  "C1'" "H1'"  sing N N 23  
DA  N9    C8     sing Y N 24  
DA  N9    C4     sing Y N 25  
DA  C8    N7     doub Y N 26  
DA  C8    H8     sing N N 27  
DA  N7    C5     sing Y N 28  
DA  C5    C6     sing Y N 29  
DA  C5    C4     doub Y N 30  
DA  C6    N6     sing N N 31  
DA  C6    N1     doub Y N 32  
DA  N6    H61    sing N N 33  
DA  N6    H62    sing N N 34  
DA  N1    C2     sing Y N 35  
DA  C2    N3     doub Y N 36  
DA  C2    H2     sing N N 37  
DA  N3    C4     sing Y N 38  
DC  OP3   P      sing N N 39  
DC  OP3   HOP3   sing N N 40  
DC  P     OP1    doub N N 41  
DC  P     OP2    sing N N 42  
DC  P     "O5'"  sing N N 43  
DC  OP2   HOP2   sing N N 44  
DC  "O5'" "C5'"  sing N N 45  
DC  "C5'" "C4'"  sing N N 46  
DC  "C5'" "H5'"  sing N N 47  
DC  "C5'" "H5''" sing N N 48  
DC  "C4'" "O4'"  sing N N 49  
DC  "C4'" "C3'"  sing N N 50  
DC  "C4'" "H4'"  sing N N 51  
DC  "O4'" "C1'"  sing N N 52  
DC  "C3'" "O3'"  sing N N 53  
DC  "C3'" "C2'"  sing N N 54  
DC  "C3'" "H3'"  sing N N 55  
DC  "O3'" "HO3'" sing N N 56  
DC  "C2'" "C1'"  sing N N 57  
DC  "C2'" "H2'"  sing N N 58  
DC  "C2'" "H2''" sing N N 59  
DC  "C1'" N1     sing N N 60  
DC  "C1'" "H1'"  sing N N 61  
DC  N1    C2     sing N N 62  
DC  N1    C6     sing N N 63  
DC  C2    O2     doub N N 64  
DC  C2    N3     sing N N 65  
DC  N3    C4     doub N N 66  
DC  C4    N4     sing N N 67  
DC  C4    C5     sing N N 68  
DC  N4    H41    sing N N 69  
DC  N4    H42    sing N N 70  
DC  C5    C6     doub N N 71  
DC  C5    H5     sing N N 72  
DC  C6    H6     sing N N 73  
DG  OP3   P      sing N N 74  
DG  OP3   HOP3   sing N N 75  
DG  P     OP1    doub N N 76  
DG  P     OP2    sing N N 77  
DG  P     "O5'"  sing N N 78  
DG  OP2   HOP2   sing N N 79  
DG  "O5'" "C5'"  sing N N 80  
DG  "C5'" "C4'"  sing N N 81  
DG  "C5'" "H5'"  sing N N 82  
DG  "C5'" "H5''" sing N N 83  
DG  "C4'" "O4'"  sing N N 84  
DG  "C4'" "C3'"  sing N N 85  
DG  "C4'" "H4'"  sing N N 86  
DG  "O4'" "C1'"  sing N N 87  
DG  "C3'" "O3'"  sing N N 88  
DG  "C3'" "C2'"  sing N N 89  
DG  "C3'" "H3'"  sing N N 90  
DG  "O3'" "HO3'" sing N N 91  
DG  "C2'" "C1'"  sing N N 92  
DG  "C2'" "H2'"  sing N N 93  
DG  "C2'" "H2''" sing N N 94  
DG  "C1'" N9     sing N N 95  
DG  "C1'" "H1'"  sing N N 96  
DG  N9    C8     sing Y N 97  
DG  N9    C4     sing Y N 98  
DG  C8    N7     doub Y N 99  
DG  C8    H8     sing N N 100 
DG  N7    C5     sing Y N 101 
DG  C5    C6     sing N N 102 
DG  C5    C4     doub Y N 103 
DG  C6    O6     doub N N 104 
DG  C6    N1     sing N N 105 
DG  N1    C2     sing N N 106 
DG  N1    H1     sing N N 107 
DG  C2    N2     sing N N 108 
DG  C2    N3     doub N N 109 
DG  N2    H21    sing N N 110 
DG  N2    H22    sing N N 111 
DG  N3    C4     sing N N 112 
DT  OP3   P      sing N N 113 
DT  OP3   HOP3   sing N N 114 
DT  P     OP1    doub N N 115 
DT  P     OP2    sing N N 116 
DT  P     "O5'"  sing N N 117 
DT  OP2   HOP2   sing N N 118 
DT  "O5'" "C5'"  sing N N 119 
DT  "C5'" "C4'"  sing N N 120 
DT  "C5'" "H5'"  sing N N 121 
DT  "C5'" "H5''" sing N N 122 
DT  "C4'" "O4'"  sing N N 123 
DT  "C4'" "C3'"  sing N N 124 
DT  "C4'" "H4'"  sing N N 125 
DT  "O4'" "C1'"  sing N N 126 
DT  "C3'" "O3'"  sing N N 127 
DT  "C3'" "C2'"  sing N N 128 
DT  "C3'" "H3'"  sing N N 129 
DT  "O3'" "HO3'" sing N N 130 
DT  "C2'" "C1'"  sing N N 131 
DT  "C2'" "H2'"  sing N N 132 
DT  "C2'" "H2''" sing N N 133 
DT  "C1'" N1     sing N N 134 
DT  "C1'" "H1'"  sing N N 135 
DT  N1    C2     sing N N 136 
DT  N1    C6     sing N N 137 
DT  C2    O2     doub N N 138 
DT  C2    N3     sing N N 139 
DT  N3    C4     sing N N 140 
DT  N3    H3     sing N N 141 
DT  C4    O4     doub N N 142 
DT  C4    C5     sing N N 143 
DT  C5    C7     sing N N 144 
DT  C5    C6     doub N N 145 
DT  C7    H71    sing N N 146 
DT  C7    H72    sing N N 147 
DT  C7    H73    sing N N 148 
DT  C6    H6     sing N N 149 
HOH O     H1     sing N N 150 
HOH O     H2     sing N N 151 
ILT N9    C18    doub N N 152 
ILT C18   N10    sing N N 153 
ILT C18   C17    sing N N 154 
ILT C17   C16    sing N N 155 
ILT C16   N8     sing N N 156 
ILT O3    C15    doub N N 157 
ILT N8    C15    sing N N 158 
ILT C15   C12    sing N N 159 
ILT C14   N7     sing N N 160 
ILT C12   N7     sing Y N 161 
ILT C12   C11    doub Y N 162 
ILT N7    C13    sing Y N 163 
ILT C11   C10    sing Y N 164 
ILT C13   C10    doub Y N 165 
ILT C10   N6     sing N N 166 
ILT N6    C9     sing N N 167 
ILT O2    C9     doub N N 168 
ILT C9    C6     sing N N 169 
ILT C6    N11    doub Y N 170 
ILT C6    N5     sing Y N 171 
ILT N11   C4     sing Y N 172 
ILT C8    N5     sing N N 173 
ILT N5    C7     sing Y N 174 
ILT C4    C7     doub Y N 175 
ILT C4    N4     sing N N 176 
ILT N4    C3     sing N N 177 
ILT C3    O1     doub N N 178 
ILT C3    C2     sing N N 179 
ILT C2    N3     sing N N 180 
ILT N3    C1     sing N N 181 
ILT C1    N2     doub N N 182 
ILT C1    N1     sing N N 183 
ILT N1    H1     sing N N 184 
ILT N1    H2     sing N N 185 
ILT N2    H3     sing N N 186 
ILT N3    H4     sing N N 187 
ILT C2    H5     sing N N 188 
ILT C2    H6     sing N N 189 
ILT N4    H7     sing N N 190 
ILT C7    H8     sing N N 191 
ILT C8    H9     sing N N 192 
ILT C8    H10    sing N N 193 
ILT C8    H11    sing N N 194 
ILT N6    H12    sing N N 195 
ILT C11   H13    sing N N 196 
ILT C13   H14    sing N N 197 
ILT C14   H15    sing N N 198 
ILT C14   H16    sing N N 199 
ILT C14   H17    sing N N 200 
ILT N8    H18    sing N N 201 
ILT C16   H19    sing N N 202 
ILT C16   H20    sing N N 203 
ILT C17   H21    sing N N 204 
ILT C17   H22    sing N N 205 
ILT N9    H23    sing N N 206 
ILT N10   H24    sing N N 207 
ILT N10   H25    sing N N 208 
# 
_ndb_struct_conf_na.entry_id   1LEY 
_ndb_struct_conf_na.feature    'b-form double helix' 
# 
loop_
_ndb_struct_na_base_pair.model_number 
_ndb_struct_na_base_pair.i_label_asym_id 
_ndb_struct_na_base_pair.i_label_comp_id 
_ndb_struct_na_base_pair.i_label_seq_id 
_ndb_struct_na_base_pair.i_symmetry 
_ndb_struct_na_base_pair.j_label_asym_id 
_ndb_struct_na_base_pair.j_label_comp_id 
_ndb_struct_na_base_pair.j_label_seq_id 
_ndb_struct_na_base_pair.j_symmetry 
_ndb_struct_na_base_pair.shear 
_ndb_struct_na_base_pair.stretch 
_ndb_struct_na_base_pair.stagger 
_ndb_struct_na_base_pair.buckle 
_ndb_struct_na_base_pair.propeller 
_ndb_struct_na_base_pair.opening 
_ndb_struct_na_base_pair.pair_number 
_ndb_struct_na_base_pair.pair_name 
_ndb_struct_na_base_pair.i_auth_asym_id 
_ndb_struct_na_base_pair.i_auth_seq_id 
_ndb_struct_na_base_pair.i_PDB_ins_code 
_ndb_struct_na_base_pair.j_auth_asym_id 
_ndb_struct_na_base_pair.j_auth_seq_id 
_ndb_struct_na_base_pair.j_PDB_ins_code 
_ndb_struct_na_base_pair.hbond_type_28 
_ndb_struct_na_base_pair.hbond_type_12 
1 A DC 1  1_555 B DG 12 1_555 -0.276 0.179  0.074  -3.131  -12.152 2.545  1  A_DC1:DG24_B  A 1  ? B 24 ? 19 1 
1 A DG 2  1_555 B DC 11 1_555 -0.970 -0.630 0.319  2.941   -11.854 -2.106 2  A_DG2:DC23_B  A 2  ? B 23 ? 19 1 
1 A DC 3  1_555 B DG 10 1_555 0.123  0.181  0.717  -15.187 -8.008  6.166  3  A_DC3:DG22_B  A 3  ? B 22 ? 19 1 
1 A DG 4  1_555 B DC 9  1_555 -0.245 -0.117 -0.126 4.464   -3.428  1.770  4  A_DG4:DC21_B  A 4  ? B 21 ? 19 1 
1 A DA 5  1_555 B DT 8  1_555 1.125  -0.433 -0.036 3.400   -14.200 -1.661 5  A_DA5:DT20_B  A 5  ? B 20 ? 20 1 
1 A DA 6  1_555 B DT 7  1_555 -0.308 -0.025 0.130  -1.546  -16.384 1.171  6  A_DA6:DT19_B  A 6  ? B 19 ? 20 1 
1 A DT 7  1_555 B DA 6  1_555 -0.107 -0.275 -0.063 0.396   -19.980 4.636  7  A_DT7:DA18_B  A 7  ? B 18 ? 20 1 
1 A DT 8  1_555 B DA 5  1_555 -0.300 -0.274 0.034  -2.065  -17.653 5.957  8  A_DT8:DA17_B  A 8  ? B 17 ? 20 1 
1 A DC 9  1_555 B DG 4  1_555 -0.402 -0.422 -0.311 -4.264  -9.727  -3.701 9  A_DC9:DG16_B  A 9  ? B 16 ? 19 1 
1 A DG 10 1_555 B DC 3  1_555 -0.402 -0.399 0.230  7.676   -5.249  3.036  10 A_DG10:DC15_B A 10 ? B 15 ? 19 1 
1 A DC 11 1_555 B DG 2  1_555 1.090  -0.621 0.148  13.048  -22.820 -7.819 11 A_DC11:DG14_B A 11 ? B 14 ? 19 1 
1 A DG 12 1_555 B DC 1  1_555 -0.672 -0.591 0.084  7.128   21.012  -0.192 12 A_DG12:DC13_B A 12 ? B 13 ? 19 1 
# 
loop_
_ndb_struct_na_base_pair_step.model_number 
_ndb_struct_na_base_pair_step.i_label_asym_id_1 
_ndb_struct_na_base_pair_step.i_label_comp_id_1 
_ndb_struct_na_base_pair_step.i_label_seq_id_1 
_ndb_struct_na_base_pair_step.i_symmetry_1 
_ndb_struct_na_base_pair_step.j_label_asym_id_1 
_ndb_struct_na_base_pair_step.j_label_comp_id_1 
_ndb_struct_na_base_pair_step.j_label_seq_id_1 
_ndb_struct_na_base_pair_step.j_symmetry_1 
_ndb_struct_na_base_pair_step.i_label_asym_id_2 
_ndb_struct_na_base_pair_step.i_label_comp_id_2 
_ndb_struct_na_base_pair_step.i_label_seq_id_2 
_ndb_struct_na_base_pair_step.i_symmetry_2 
_ndb_struct_na_base_pair_step.j_label_asym_id_2 
_ndb_struct_na_base_pair_step.j_label_comp_id_2 
_ndb_struct_na_base_pair_step.j_label_seq_id_2 
_ndb_struct_na_base_pair_step.j_symmetry_2 
_ndb_struct_na_base_pair_step.shift 
_ndb_struct_na_base_pair_step.slide 
_ndb_struct_na_base_pair_step.rise 
_ndb_struct_na_base_pair_step.tilt 
_ndb_struct_na_base_pair_step.roll 
_ndb_struct_na_base_pair_step.twist 
_ndb_struct_na_base_pair_step.x_displacement 
_ndb_struct_na_base_pair_step.y_displacement 
_ndb_struct_na_base_pair_step.helical_rise 
_ndb_struct_na_base_pair_step.inclination 
_ndb_struct_na_base_pair_step.tip 
_ndb_struct_na_base_pair_step.helical_twist 
_ndb_struct_na_base_pair_step.step_number 
_ndb_struct_na_base_pair_step.step_name 
_ndb_struct_na_base_pair_step.i_auth_asym_id_1 
_ndb_struct_na_base_pair_step.i_auth_seq_id_1 
_ndb_struct_na_base_pair_step.i_PDB_ins_code_1 
_ndb_struct_na_base_pair_step.j_auth_asym_id_1 
_ndb_struct_na_base_pair_step.j_auth_seq_id_1 
_ndb_struct_na_base_pair_step.j_PDB_ins_code_1 
_ndb_struct_na_base_pair_step.i_auth_asym_id_2 
_ndb_struct_na_base_pair_step.i_auth_seq_id_2 
_ndb_struct_na_base_pair_step.i_PDB_ins_code_2 
_ndb_struct_na_base_pair_step.j_auth_asym_id_2 
_ndb_struct_na_base_pair_step.j_auth_seq_id_2 
_ndb_struct_na_base_pair_step.j_PDB_ins_code_2 
1 A DC 1  1_555 B DG 12 1_555 A DG 2  1_555 B DC 11 1_555 -0.349 0.132  3.126 -4.088 12.265  32.529 -1.583 -0.019 3.002 20.896  
6.965   34.940 1  AA_DC1DG2:DC23DG24_BB   A 1  ? B 24 ? A 2  ? B 23 ? 
1 A DG 2  1_555 B DC 11 1_555 A DC 3  1_555 B DG 10 1_555 0.568  0.578  3.898 -1.960 -8.920  45.414 1.626  -0.918 3.701 -11.417 
2.509   46.276 2  AA_DG2DC3:DG22DC23_BB   A 2  ? B 23 ? A 3  ? B 22 ? 
1 A DC 3  1_555 B DG 10 1_555 A DG 4  1_555 B DC 9  1_555 -0.106 0.732  2.983 7.552  8.126   25.986 -0.284 1.877  2.931 17.112  
-15.903 28.217 3  AA_DC3DG4:DC21DG22_BB   A 3  ? B 22 ? A 4  ? B 21 ? 
1 A DG 4  1_555 B DC 9  1_555 A DA 5  1_555 B DT 8  1_555 -0.184 0.281  3.322 -0.309 4.867   42.699 -0.109 0.220  3.334 6.658   
0.423   42.963 4  AA_DG4DA5:DT20DC21_BB   A 4  ? B 21 ? A 5  ? B 20 ? 
1 A DA 5  1_555 B DT 8  1_555 A DA 6  1_555 B DT 7  1_555 0.010  -0.415 3.338 -1.930 6.933   29.474 -2.201 -0.411 3.154 13.377  
3.724   30.321 5  AA_DA5DA6:DT19DT20_BB   A 5  ? B 20 ? A 6  ? B 19 ? 
1 A DA 6  1_555 B DT 7  1_555 A DT 7  1_555 B DA 6  1_555 0.109  -0.534 3.160 2.340  -4.338  35.578 -0.260 0.150  3.201 -7.058  
-3.806  35.907 6  AA_DA6DT7:DA18DT19_BB   A 6  ? B 19 ? A 7  ? B 18 ? 
1 A DT 7  1_555 B DA 6  1_555 A DT 8  1_555 B DA 5  1_555 0.159  0.040  3.291 0.404  3.421   33.385 -0.496 -0.209 3.281 5.936   
-0.702  33.557 7  AA_DT7DT8:DA17DA18_BB   A 7  ? B 18 ? A 8  ? B 17 ? 
1 A DT 8  1_555 B DA 5  1_555 A DC 9  1_555 B DG 4  1_555 -0.272 0.477  3.422 2.178  -0.858  37.118 0.867  0.728  3.390 -1.346  
-3.417  37.190 8  AA_DT8DC9:DG16DA17_BB   A 8  ? B 17 ? A 9  ? B 16 ? 
1 A DC 9  1_555 B DG 4  1_555 A DG 10 1_555 B DC 3  1_555 0.486  1.181  3.289 -3.998 6.415   29.103 0.915  -1.786 3.372 12.502  
7.792   30.048 9  AA_DC9DG10:DC15DG16_BB  A 9  ? B 16 ? A 10 ? B 15 ? 
1 A DG 10 1_555 B DC 3  1_555 A DC 11 1_555 B DG 2  1_555 -1.427 0.971  3.429 -2.334 -13.598 51.656 1.965  1.438  3.155 -15.297 
2.626   53.344 10 AA_DG10DC11:DG14DC15_BB A 10 ? B 15 ? A 11 ? B 14 ? 
1 A DC 11 1_555 B DG 2  1_555 A DG 12 1_555 B DC 1  1_555 1.659  0.371  3.553 2.315  -6.508  27.765 2.368  -2.785 3.501 -13.302 
-4.732  28.594 11 AA_DC11DG12:DC13DG14_BB A 11 ? B 14 ? A 12 ? B 13 ? 
# 
_atom_sites.entry_id                    1LEY 
_atom_sites.fract_transf_matrix[1][1]   0.01213641 
_atom_sites.fract_transf_matrix[1][2]   -0.00313193 
_atom_sites.fract_transf_matrix[1][3]   0.03968153 
_atom_sites.fract_transf_matrix[2][1]   0.00228898 
_atom_sites.fract_transf_matrix[2][2]   0.02533463 
_atom_sites.fract_transf_matrix[2][3]   0.00129950 
_atom_sites.fract_transf_matrix[3][1]   -0.01436349 
_atom_sites.fract_transf_matrix[3][2]   0.00106808 
_atom_sites.fract_transf_matrix[3][3]   0.00447730 
_atom_sites.fract_transf_vector[1]      0.573743 
_atom_sites.fract_transf_vector[2]      0.521447 
_atom_sites.fract_transf_vector[3]      0.140830 
# 
loop_
_atom_type.symbol 
C 
N 
O 
P 
# 
loop_
_atom_site.group_PDB 
_atom_site.id 
_atom_site.type_symbol 
_atom_site.label_atom_id 
_atom_site.label_alt_id 
_atom_site.label_comp_id 
_atom_site.label_asym_id 
_atom_site.label_entity_id 
_atom_site.label_seq_id 
_atom_site.pdbx_PDB_ins_code 
_atom_site.Cartn_x 
_atom_site.Cartn_y 
_atom_site.Cartn_z 
_atom_site.occupancy 
_atom_site.B_iso_or_equiv 
_atom_site.pdbx_formal_charge 
_atom_site.auth_seq_id 
_atom_site.auth_comp_id 
_atom_site.auth_asym_id 
_atom_site.auth_atom_id 
_atom_site.pdbx_PDB_model_num 
ATOM   1   O "O5'" . DC  A 1 1  ? -12.552 13.966  9.913   1.00 16.19 ? 1  DC  A "O5'" 1 
ATOM   2   C "C5'" . DC  A 1 1  ? -11.402 13.152  9.950   1.00 16.62 ? 1  DC  A "C5'" 1 
ATOM   3   C "C4'" . DC  A 1 1  ? -11.668 11.914  10.775  1.00 10.41 ? 1  DC  A "C4'" 1 
ATOM   4   O "O4'" . DC  A 1 1  ? -12.560 11.054  10.176  1.00 13.72 ? 1  DC  A "O4'" 1 
ATOM   5   C "C3'" . DC  A 1 1  ? -10.377 11.103  10.847  1.00 14.85 ? 1  DC  A "C3'" 1 
ATOM   6   O "O3'" . DC  A 1 1  ? -10.189 10.398  12.042  1.00 20.78 ? 1  DC  A "O3'" 1 
ATOM   7   C "C2'" . DC  A 1 1  ? -10.540 10.245  9.570   1.00 13.85 ? 1  DC  A "C2'" 1 
ATOM   8   C "C1'" . DC  A 1 1  ? -11.937 9.779   9.799   1.00 14.03 ? 1  DC  A "C1'" 1 
ATOM   9   N N1    . DC  A 1 1  ? -12.578 9.170   8.622   1.00 11.48 ? 1  DC  A N1    1 
ATOM   10  C C2    . DC  A 1 1  ? -13.273 7.983   8.823   1.00 12.69 ? 1  DC  A C2    1 
ATOM   11  O O2    . DC  A 1 1  ? -13.353 7.379   9.894   1.00 10.91 ? 1  DC  A O2    1 
ATOM   12  N N3    . DC  A 1 1  ? -13.934 7.471   7.740   1.00 15.84 ? 1  DC  A N3    1 
ATOM   13  C C4    . DC  A 1 1  ? -13.913 8.046   6.507   1.00 10.82 ? 1  DC  A C4    1 
ATOM   14  N N4    . DC  A 1 1  ? -14.563 7.410   5.512   1.00 14.44 ? 1  DC  A N4    1 
ATOM   15  C C5    . DC  A 1 1  ? -13.216 9.230   6.339   1.00 11.85 ? 1  DC  A C5    1 
ATOM   16  C C6    . DC  A 1 1  ? -12.592 9.754   7.412   1.00 9.13  ? 1  DC  A C6    1 
ATOM   17  P P     . DG  A 1 2  ? -8.754  9.635   12.295  1.00 26.56 ? 2  DG  A P     1 
ATOM   18  O OP1   . DG  A 1 2  ? -8.302  10.244  13.555  1.00 26.74 ? 2  DG  A OP1   1 
ATOM   19  O OP2   . DG  A 1 2  ? -7.871  9.917   11.104  1.00 16.70 ? 2  DG  A OP2   1 
ATOM   20  O "O5'" . DG  A 1 2  ? -9.301  8.170   12.207  1.00 28.00 ? 2  DG  A "O5'" 1 
ATOM   21  C "C5'" . DG  A 1 2  ? -9.963  7.433   13.274  1.00 24.06 ? 2  DG  A "C5'" 1 
ATOM   22  C "C4'" . DG  A 1 2  ? -9.455  6.022   12.869  1.00 20.19 ? 2  DG  A "C4'" 1 
ATOM   23  O "O4'" . DG  A 1 2  ? -10.122 5.618   11.700  1.00 13.98 ? 2  DG  A "O4'" 1 
ATOM   24  C "C3'" . DG  A 1 2  ? -7.962  5.879   12.560  1.00 16.79 ? 2  DG  A "C3'" 1 
ATOM   25  O "O3'" . DG  A 1 2  ? -7.492  4.641   13.022  1.00 17.41 ? 2  DG  A "O3'" 1 
ATOM   26  C "C2'" . DG  A 1 2  ? -7.961  5.962   11.023  1.00 14.30 ? 2  DG  A "C2'" 1 
ATOM   27  C "C1'" . DG  A 1 2  ? -9.188  5.145   10.723  1.00 7.56  ? 2  DG  A "C1'" 1 
ATOM   28  N N9    . DG  A 1 2  ? -9.797  5.416   9.438   1.00 8.23  ? 2  DG  A N9    1 
ATOM   29  C C8    . DG  A 1 2  ? -9.642  6.471   8.612   1.00 5.27  ? 2  DG  A C8    1 
ATOM   30  N N7    . DG  A 1 2  ? -10.328 6.408   7.498   1.00 13.05 ? 2  DG  A N7    1 
ATOM   31  C C5    . DG  A 1 2  ? -11.013 5.206   7.600   1.00 8.47  ? 2  DG  A C5    1 
ATOM   32  C C6    . DG  A 1 2  ? -11.896 4.553   6.712   1.00 11.25 ? 2  DG  A C6    1 
ATOM   33  O O6    . DG  A 1 2  ? -12.296 5.005   5.609   1.00 15.64 ? 2  DG  A O6    1 
ATOM   34  N N1    . DG  A 1 2  ? -12.372 3.356   7.187   1.00 4.18  ? 2  DG  A N1    1 
ATOM   35  C C2    . DG  A 1 2  ? -11.967 2.818   8.350   1.00 7.03  ? 2  DG  A C2    1 
ATOM   36  N N2    . DG  A 1 2  ? -12.488 1.582   8.647   1.00 8.54  ? 2  DG  A N2    1 
ATOM   37  N N3    . DG  A 1 2  ? -11.154 3.379   9.213   1.00 5.54  ? 2  DG  A N3    1 
ATOM   38  C C4    . DG  A 1 2  ? -10.721 4.577   8.797   1.00 9.16  ? 2  DG  A C4    1 
ATOM   39  P P     . DC  A 1 3  ? -6.127  4.062   13.586  1.00 16.22 ? 3  DC  A P     1 
ATOM   40  O OP1   . DC  A 1 3  ? -5.815  4.035   15.041  1.00 19.77 ? 3  DC  A OP1   1 
ATOM   41  O OP2   . DC  A 1 3  ? -5.211  5.000   12.861  1.00 20.85 ? 3  DC  A OP2   1 
ATOM   42  O "O5'" . DC  A 1 3  ? -6.236  2.606   12.912  1.00 13.52 ? 3  DC  A "O5'" 1 
ATOM   43  C "C5'" . DC  A 1 3  ? -7.473  1.959   13.031  1.00 20.52 ? 3  DC  A "C5'" 1 
ATOM   44  C "C4'" . DC  A 1 3  ? -7.831  0.928   12.040  1.00 18.51 ? 3  DC  A "C4'" 1 
ATOM   45  O "O4'" . DC  A 1 3  ? -8.833  1.417   11.141  1.00 20.75 ? 3  DC  A "O4'" 1 
ATOM   46  C "C3'" . DC  A 1 3  ? -6.750  0.338   11.180  1.00 9.84  ? 3  DC  A "C3'" 1 
ATOM   47  O "O3'" . DC  A 1 3  ? -6.334  -0.876  11.730  1.00 19.24 ? 3  DC  A "O3'" 1 
ATOM   48  C "C2'" . DC  A 1 3  ? -7.434  -0.108  9.919   1.00 11.66 ? 3  DC  A "C2'" 1 
ATOM   49  C "C1'" . DC  A 1 3  ? -8.599  0.728   9.934   1.00 4.19  ? 3  DC  A "C1'" 1 
ATOM   50  N N1    . DC  A 1 3  ? -8.167  1.786   8.993   1.00 5.91  ? 3  DC  A N1    1 
ATOM   51  C C2    . DC  A 1 3  ? -8.737  1.581   7.771   1.00 1.84  ? 3  DC  A C2    1 
ATOM   52  O O2    . DC  A 1 3  ? -9.459  0.598   7.586   1.00 5.74  ? 3  DC  A O2    1 
ATOM   53  N N3    . DC  A 1 3  ? -8.431  2.509   6.833   1.00 4.62  ? 3  DC  A N3    1 
ATOM   54  C C4    . DC  A 1 3  ? -7.600  3.552   7.061   1.00 6.33  ? 3  DC  A C4    1 
ATOM   55  N N4    . DC  A 1 3  ? -7.413  4.357   6.017   1.00 13.39 ? 3  DC  A N4    1 
ATOM   56  C C5    . DC  A 1 3  ? -7.015  3.737   8.334   1.00 6.49  ? 3  DC  A C5    1 
ATOM   57  C C6    . DC  A 1 3  ? -7.377  2.829   9.290   1.00 8.59  ? 3  DC  A C6    1 
ATOM   58  P P     . DG  A 1 4  ? -5.138  -1.844  11.557  1.00 16.19 ? 4  DG  A P     1 
ATOM   59  O OP1   . DG  A 1 4  ? -5.351  -2.630  12.871  1.00 25.06 ? 4  DG  A OP1   1 
ATOM   60  O OP2   . DG  A 1 4  ? -3.929  -0.997  11.457  1.00 20.16 ? 4  DG  A OP2   1 
ATOM   61  O "O5'" . DG  A 1 4  ? -5.475  -2.738  10.353  1.00 17.60 ? 4  DG  A "O5'" 1 
ATOM   62  C "C5'" . DG  A 1 4  ? -6.550  -3.669  10.699  1.00 5.31  ? 4  DG  A "C5'" 1 
ATOM   63  C "C4'" . DG  A 1 4  ? -6.911  -4.213  9.315   1.00 4.93  ? 4  DG  A "C4'" 1 
ATOM   64  O "O4'" . DG  A 1 4  ? -7.241  -3.158  8.473   1.00 6.40  ? 4  DG  A "O4'" 1 
ATOM   65  C "C3'" . DG  A 1 4  ? -5.768  -4.979  8.698   1.00 7.76  ? 4  DG  A "C3'" 1 
ATOM   66  O "O3'" . DG  A 1 4  ? -6.273  -6.144  8.048   1.00 28.12 ? 4  DG  A "O3'" 1 
ATOM   67  C "C2'" . DG  A 1 4  ? -5.114  -4.042  7.735   1.00 4.88  ? 4  DG  A "C2'" 1 
ATOM   68  C "C1'" . DG  A 1 4  ? -6.409  -3.258  7.347   1.00 4.73  ? 4  DG  A "C1'" 1 
ATOM   69  N N9    . DG  A 1 4  ? -6.009  -1.874  7.074   1.00 6.74  ? 4  DG  A N9    1 
ATOM   70  C C8    . DG  A 1 4  ? -5.092  -1.051  7.720   1.00 2.48  ? 4  DG  A C8    1 
ATOM   71  N N7    . DG  A 1 4  ? -4.954  0.116   7.188   1.00 7.13  ? 4  DG  A N7    1 
ATOM   72  C C5    . DG  A 1 4  ? -5.837  0.037   6.051   1.00 3.24  ? 4  DG  A C5    1 
ATOM   73  C C6    . DG  A 1 4  ? -6.175  0.983   5.052   1.00 3.23  ? 4  DG  A C6    1 
ATOM   74  O O6    . DG  A 1 4  ? -5.695  2.176   4.966   1.00 8.44  ? 4  DG  A O6    1 
ATOM   75  N N1    . DG  A 1 4  ? -7.064  0.500   4.124   1.00 8.94  ? 4  DG  A N1    1 
ATOM   76  C C2    . DG  A 1 4  ? -7.604  -0.769  4.171   1.00 2.15  ? 4  DG  A C2    1 
ATOM   77  N N2    . DG  A 1 4  ? -8.501  -1.147  3.214   1.00 0.65  ? 4  DG  A N2    1 
ATOM   78  N N3    . DG  A 1 4  ? -7.324  -1.669  5.081   1.00 1.06  ? 4  DG  A N3    1 
ATOM   79  C C4    . DG  A 1 4  ? -6.452  -1.176  5.997   1.00 2.86  ? 4  DG  A C4    1 
ATOM   80  P P     . DA  A 1 5  ? -5.352  -7.378  7.480   1.00 32.38 ? 5  DA  A P     1 
ATOM   81  O OP1   . DA  A 1 5  ? -5.997  -8.616  8.050   1.00 31.17 ? 5  DA  A OP1   1 
ATOM   82  O OP2   . DA  A 1 5  ? -3.976  -6.877  7.663   1.00 29.19 ? 5  DA  A OP2   1 
ATOM   83  O "O5'" . DA  A 1 5  ? -5.701  -7.352  5.904   1.00 30.27 ? 5  DA  A "O5'" 1 
ATOM   84  C "C5'" . DA  A 1 5  ? -7.016  -6.857  5.565   1.00 14.75 ? 5  DA  A "C5'" 1 
ATOM   85  C "C4'" . DA  A 1 5  ? -7.003  -6.657  4.108   1.00 16.47 ? 5  DA  A "C4'" 1 
ATOM   86  O "O4'" . DA  A 1 5  ? -6.816  -5.288  3.780   1.00 13.59 ? 5  DA  A "O4'" 1 
ATOM   87  C "C3'" . DA  A 1 5  ? -5.970  -7.421  3.247   1.00 8.73  ? 5  DA  A "C3'" 1 
ATOM   88  O "O3'" . DA  A 1 5  ? -6.515  -7.565  1.940   1.00 8.97  ? 5  DA  A "O3'" 1 
ATOM   89  C "C2'" . DA  A 1 5  ? -4.869  -6.412  3.259   1.00 4.36  ? 5  DA  A "C2'" 1 
ATOM   90  C "C1'" . DA  A 1 5  ? -5.691  -5.119  3.059   1.00 5.40  ? 5  DA  A "C1'" 1 
ATOM   91  N N9    . DA  A 1 5  ? -4.916  -3.996  3.578   1.00 2.18  ? 5  DA  A N9    1 
ATOM   92  C C8    . DA  A 1 5  ? -4.070  -3.974  4.659   1.00 4.66  ? 5  DA  A C8    1 
ATOM   93  N N7    . DA  A 1 5  ? -3.456  -2.868  4.867   1.00 5.18  ? 5  DA  A N7    1 
ATOM   94  C C5    . DA  A 1 5  ? -3.938  -2.068  3.820   1.00 7.18  ? 5  DA  A C5    1 
ATOM   95  C C6    . DA  A 1 5  ? -3.650  -0.705  3.506   1.00 4.98  ? 5  DA  A C6    1 
ATOM   96  N N6    . DA  A 1 5  ? -2.805  -0.001  4.241   1.00 4.11  ? 5  DA  A N6    1 
ATOM   97  N N1    . DA  A 1 5  ? -4.295  -0.251  2.426   1.00 0.80  ? 5  DA  A N1    1 
ATOM   98  C C2    . DA  A 1 5  ? -5.129  -1.094  1.711   1.00 2.90  ? 5  DA  A C2    1 
ATOM   99  N N3    . DA  A 1 5  ? -5.473  -2.350  1.936   1.00 0.42  ? 5  DA  A N3    1 
ATOM   100 C C4    . DA  A 1 5  ? -4.836  -2.782  3.010   1.00 1.88  ? 5  DA  A C4    1 
ATOM   101 P P     . DA  A 1 6  ? -6.059  -8.486  0.781   1.00 12.06 ? 6  DA  A P     1 
ATOM   102 O OP1   . DA  A 1 6  ? -7.087  -9.452  0.420   1.00 13.37 ? 6  DA  A OP1   1 
ATOM   103 O OP2   . DA  A 1 6  ? -4.745  -8.855  1.356   1.00 15.53 ? 6  DA  A OP2   1 
ATOM   104 O "O5'" . DA  A 1 6  ? -5.834  -7.746  -0.569  1.00 13.18 ? 6  DA  A "O5'" 1 
ATOM   105 C "C5'" . DA  A 1 6  ? -6.907  -6.917  -1.018  1.00 3.02  ? 6  DA  A "C5'" 1 
ATOM   106 C "C4'" . DA  A 1 6  ? -6.247  -5.907  -1.934  1.00 2.06  ? 6  DA  A "C4'" 1 
ATOM   107 O "O4'" . DA  A 1 6  ? -5.530  -5.093  -1.053  1.00 5.99  ? 6  DA  A "O4'" 1 
ATOM   108 C "C3'" . DA  A 1 6  ? -5.218  -6.524  -2.861  1.00 0.00  ? 6  DA  A "C3'" 1 
ATOM   109 O "O3'" . DA  A 1 6  ? -5.114  -5.780  -4.002  1.00 12.41 ? 6  DA  A "O3'" 1 
ATOM   110 C "C2'" . DA  A 1 6  ? -3.931  -6.423  -2.018  1.00 4.50  ? 6  DA  A "C2'" 1 
ATOM   111 C "C1'" . DA  A 1 6  ? -4.177  -5.013  -1.604  1.00 2.33  ? 6  DA  A "C1'" 1 
ATOM   112 N N9    . DA  A 1 6  ? -3.358  -4.518  -0.545  1.00 5.29  ? 6  DA  A N9    1 
ATOM   113 C C8    . DA  A 1 6  ? -2.932  -5.154  0.572   1.00 2.00  ? 6  DA  A C8    1 
ATOM   114 N N7    . DA  A 1 6  ? -2.161  -4.374  1.320   1.00 4.96  ? 6  DA  A N7    1 
ATOM   115 C C5    . DA  A 1 6  ? -2.169  -3.140  0.664   1.00 0.42  ? 6  DA  A C5    1 
ATOM   116 C C6    . DA  A 1 6  ? -1.509  -1.928  0.971   1.00 3.70  ? 6  DA  A C6    1 
ATOM   117 N N6    . DA  A 1 6  ? -0.777  -1.757  2.097   1.00 4.12  ? 6  DA  A N6    1 
ATOM   118 N N1    . DA  A 1 6  ? -1.674  -0.951  0.053   1.00 3.91  ? 6  DA  A N1    1 
ATOM   119 C C2    . DA  A 1 6  ? -2.404  -1.111  -1.085  1.00 3.10  ? 6  DA  A C2    1 
ATOM   120 N N3    . DA  A 1 6  ? -3.002  -2.236  -1.419  1.00 10.35 ? 6  DA  A N3    1 
ATOM   121 C C4    . DA  A 1 6  ? -2.877  -3.211  -0.474  1.00 3.04  ? 6  DA  A C4    1 
ATOM   122 P P     . DT  A 1 7  ? -4.702  -6.432  -5.404  1.00 13.91 ? 7  DT  A P     1 
ATOM   123 O OP1   . DT  A 1 7  ? -5.623  -6.437  -6.526  1.00 18.30 ? 7  DT  A OP1   1 
ATOM   124 O OP2   . DT  A 1 7  ? -3.968  -7.626  -4.974  1.00 17.58 ? 7  DT  A OP2   1 
ATOM   125 O "O5'" . DT  A 1 7  ? -3.794  -5.113  -5.643  1.00 14.54 ? 7  DT  A "O5'" 1 
ATOM   126 C "C5'" . DT  A 1 7  ? -4.446  -3.909  -5.878  1.00 0.00  ? 7  DT  A "C5'" 1 
ATOM   127 C "C4'" . DT  A 1 7  ? -3.261  -2.951  -5.721  1.00 8.59  ? 7  DT  A "C4'" 1 
ATOM   128 O "O4'" . DT  A 1 7  ? -2.620  -3.000  -4.504  1.00 7.76  ? 7  DT  A "O4'" 1 
ATOM   129 C "C3'" . DT  A 1 7  ? -2.148  -3.247  -6.750  1.00 7.53  ? 7  DT  A "C3'" 1 
ATOM   130 O "O3'" . DT  A 1 7  ? -2.401  -2.182  -7.614  1.00 15.89 ? 7  DT  A "O3'" 1 
ATOM   131 C "C2'" . DT  A 1 7  ? -0.866  -3.181  -5.978  1.00 4.42  ? 7  DT  A "C2'" 1 
ATOM   132 C "C1'" . DT  A 1 7  ? -1.274  -2.526  -4.720  1.00 5.17  ? 7  DT  A "C1'" 1 
ATOM   133 N N1    . DT  A 1 7  ? -0.554  -2.941  -3.516  1.00 4.98  ? 7  DT  A N1    1 
ATOM   134 C C2    . DT  A 1 7  ? 0.015   -1.933  -2.782  1.00 1.02  ? 7  DT  A C2    1 
ATOM   135 O O2    . DT  A 1 7  ? -0.026  -0.727  -3.133  1.00 10.30 ? 7  DT  A O2    1 
ATOM   136 N N3    . DT  A 1 7  ? 0.682   -2.234  -1.642  1.00 6.97  ? 7  DT  A N3    1 
ATOM   137 C C4    . DT  A 1 7  ? 0.796   -3.529  -1.213  1.00 8.52  ? 7  DT  A C4    1 
ATOM   138 O O4    . DT  A 1 7  ? 1.460   -3.726  -0.152  1.00 5.87  ? 7  DT  A O4    1 
ATOM   139 C C5    . DT  A 1 7  ? 0.146   -4.545  -1.960  1.00 6.28  ? 7  DT  A C5    1 
ATOM   140 C C7    . DT  A 1 7  ? 0.333   -5.951  -1.495  1.00 9.53  ? 7  DT  A C7    1 
ATOM   141 C C6    . DT  A 1 7  ? -0.524  -4.259  -3.108  1.00 4.86  ? 7  DT  A C6    1 
ATOM   142 P P     . DT  A 1 8  ? -1.769  -2.023  -9.039  1.00 20.81 ? 8  DT  A P     1 
ATOM   143 O OP1   . DT  A 1 8  ? -2.631  -1.252  -10.001 1.00 26.95 ? 8  DT  A OP1   1 
ATOM   144 O OP2   . DT  A 1 8  ? -1.398  -3.434  -9.345  1.00 22.25 ? 8  DT  A OP2   1 
ATOM   145 O "O5'" . DT  A 1 8  ? -0.432  -1.172  -8.749  1.00 17.75 ? 8  DT  A "O5'" 1 
ATOM   146 C "C5'" . DT  A 1 8  ? -0.455  0.165   -8.293  1.00 11.94 ? 8  DT  A "C5'" 1 
ATOM   147 C "C4'" . DT  A 1 8  ? 0.928   0.365   -7.793  1.00 10.02 ? 8  DT  A "C4'" 1 
ATOM   148 O "O4'" . DT  A 1 8  ? 1.125   -0.482  -6.691  1.00 13.83 ? 8  DT  A "O4'" 1 
ATOM   149 C "C3'" . DT  A 1 8  ? 2.066   -0.017  -8.739  1.00 17.80 ? 8  DT  A "C3'" 1 
ATOM   150 O "O3'" . DT  A 1 8  ? 2.449   1.046   -9.508  1.00 19.95 ? 8  DT  A "O3'" 1 
ATOM   151 C "C2'" . DT  A 1 8  ? 3.201   -0.453  -7.768  1.00 17.46 ? 8  DT  A "C2'" 1 
ATOM   152 C "C1'" . DT  A 1 8  ? 2.576   -0.307  -6.430  1.00 9.36  ? 8  DT  A "C1'" 1 
ATOM   153 N N1    . DT  A 1 8  ? 2.876   -1.380  -5.526  1.00 6.58  ? 8  DT  A N1    1 
ATOM   154 C C2    . DT  A 1 8  ? 3.497   -1.005  -4.318  1.00 11.16 ? 8  DT  A C2    1 
ATOM   155 O O2    . DT  A 1 8  ? 3.767   0.189   -4.203  1.00 12.01 ? 8  DT  A O2    1 
ATOM   156 N N3    . DT  A 1 8  ? 3.768   -1.991  -3.411  1.00 5.61  ? 8  DT  A N3    1 
ATOM   157 C C4    . DT  A 1 8  ? 3.448   -3.288  -3.661  1.00 7.97  ? 8  DT  A C4    1 
ATOM   158 O O4    . DT  A 1 8  ? 3.729   -4.175  -2.770  1.00 14.72 ? 8  DT  A O4    1 
ATOM   159 C C5    . DT  A 1 8  ? 2.786   -3.643  -4.875  1.00 7.81  ? 8  DT  A C5    1 
ATOM   160 C C7    . DT  A 1 8  ? 2.401   -5.057  -5.169  1.00 0.43  ? 8  DT  A C7    1 
ATOM   161 C C6    . DT  A 1 8  ? 2.512   -2.672  -5.764  1.00 5.72  ? 8  DT  A C6    1 
ATOM   162 P P     . DC  A 1 9  ? 3.571   1.782   -10.282 1.00 19.13 ? 9  DC  A P     1 
ATOM   163 O OP1   . DC  A 1 9  ? 2.898   3.043   -10.755 1.00 16.80 ? 9  DC  A OP1   1 
ATOM   164 O OP2   . DC  A 1 9  ? 3.660   0.986   -11.481 1.00 19.06 ? 9  DC  A OP2   1 
ATOM   165 O "O5'" . DC  A 1 9  ? 4.752   2.192   -9.361  1.00 12.35 ? 9  DC  A "O5'" 1 
ATOM   166 C "C5'" . DC  A 1 9  ? 4.474   3.275   -8.437  1.00 3.06  ? 9  DC  A "C5'" 1 
ATOM   167 C "C4'" . DC  A 1 9  ? 5.636   3.331   -7.510  1.00 16.94 ? 9  DC  A "C4'" 1 
ATOM   168 O "O4'" . DC  A 1 9  ? 5.720   2.281   -6.566  1.00 17.07 ? 9  DC  A "O4'" 1 
ATOM   169 C "C3'" . DC  A 1 9  ? 6.956   3.261   -8.310  1.00 15.58 ? 9  DC  A "C3'" 1 
ATOM   170 O "O3'" . DC  A 1 9  ? 7.967   4.065   -7.759  1.00 28.48 ? 9  DC  A "O3'" 1 
ATOM   171 C "C2'" . DC  A 1 9  ? 7.329   1.832   -8.202  1.00 13.47 ? 9  DC  A "C2'" 1 
ATOM   172 C "C1'" . DC  A 1 9  ? 7.037   1.634   -6.747  1.00 7.90  ? 9  DC  A "C1'" 1 
ATOM   173 N N1    . DC  A 1 9  ? 6.882   0.225   -6.390  1.00 11.34 ? 9  DC  A N1    1 
ATOM   174 C C2    . DC  A 1 9  ? 7.310   -0.093  -5.102  1.00 10.14 ? 9  DC  A C2    1 
ATOM   175 O O2    . DC  A 1 9  ? 7.795   0.781   -4.377  1.00 12.82 ? 9  DC  A O2    1 
ATOM   176 N N3    . DC  A 1 9  ? 7.181   -1.397  -4.689  1.00 10.85 ? 9  DC  A N3    1 
ATOM   177 C C4    . DC  A 1 9  ? 6.653   -2.343  -5.553  1.00 11.27 ? 9  DC  A C4    1 
ATOM   178 N N4    . DC  A 1 9  ? 6.507   -3.592  -5.120  1.00 17.12 ? 9  DC  A N4    1 
ATOM   179 C C5    . DC  A 1 9  ? 6.251   -2.040  -6.847  1.00 3.56  ? 9  DC  A C5    1 
ATOM   180 C C6    . DC  A 1 9  ? 6.374   -0.753  -7.209  1.00 7.89  ? 9  DC  A C6    1 
ATOM   181 P P     . DG  A 1 10 ? 8.897   4.843   -8.847  1.00 32.32 ? 10 DG  A P     1 
ATOM   182 O OP1   . DG  A 1 10 ? 8.519   6.291   -8.731  1.00 36.02 ? 10 DG  A OP1   1 
ATOM   183 O OP2   . DG  A 1 10 ? 8.745   4.140   -10.128 1.00 36.48 ? 10 DG  A OP2   1 
ATOM   184 O "O5'" . DG  A 1 10 ? 10.303  4.593   -8.160  1.00 34.56 ? 10 DG  A "O5'" 1 
ATOM   185 C "C5'" . DG  A 1 10 ? 10.446  4.970   -6.745  1.00 28.50 ? 10 DG  A "C5'" 1 
ATOM   186 C "C4'" . DG  A 1 10 ? 11.648  4.118   -6.280  1.00 23.32 ? 10 DG  A "C4'" 1 
ATOM   187 O "O4'" . DG  A 1 10 ? 11.142  2.837   -6.104  1.00 16.35 ? 10 DG  A "O4'" 1 
ATOM   188 C "C3'" . DG  A 1 10 ? 12.758  4.001   -7.317  1.00 24.58 ? 10 DG  A "C3'" 1 
ATOM   189 O "O3'" . DG  A 1 10 ? 14.072  3.934   -6.883  1.00 29.73 ? 10 DG  A "O3'" 1 
ATOM   190 C "C2'" . DG  A 1 10 ? 12.309  2.726   -8.074  1.00 12.00 ? 10 DG  A "C2'" 1 
ATOM   191 C "C1'" . DG  A 1 10 ? 11.873  1.943   -6.896  1.00 11.64 ? 10 DG  A "C1'" 1 
ATOM   192 N N9    . DG  A 1 10 ? 11.172  0.691   -7.258  1.00 7.68  ? 10 DG  A N9    1 
ATOM   193 C C8    . DG  A 1 10 ? 10.529  0.312   -8.426  1.00 7.35  ? 10 DG  A C8    1 
ATOM   194 N N7    . DG  A 1 10 ? 10.052  -0.866  -8.403  1.00 13.50 ? 10 DG  A N7    1 
ATOM   195 C C5    . DG  A 1 10 ? 10.444  -1.332  -7.101  1.00 6.56  ? 10 DG  A C5    1 
ATOM   196 C C6    . DG  A 1 10 ? 10.212  -2.564  -6.436  1.00 8.57  ? 10 DG  A C6    1 
ATOM   197 O O6    . DG  A 1 10 ? 9.604   -3.510  -6.932  1.00 12.55 ? 10 DG  A O6    1 
ATOM   198 N N1    . DG  A 1 10 ? 10.744  -2.623  -5.160  1.00 12.28 ? 10 DG  A N1    1 
ATOM   199 C C2    . DG  A 1 10 ? 11.402  -1.585  -4.614  1.00 5.99  ? 10 DG  A C2    1 
ATOM   200 N N2    . DG  A 1 10 ? 11.886  -1.668  -3.380  1.00 10.58 ? 10 DG  A N2    1 
ATOM   201 N N3    . DG  A 1 10 ? 11.612  -0.449  -5.196  1.00 11.60 ? 10 DG  A N3    1 
ATOM   202 C C4    . DG  A 1 10 ? 11.115  -0.387  -6.447  1.00 2.39  ? 10 DG  A C4    1 
ATOM   203 P P     . DC  A 1 11 ? 14.924  5.247   -6.339  1.00 31.42 ? 11 DC  A P     1 
ATOM   204 O OP1   . DC  A 1 11 ? 14.092  6.507   -6.361  1.00 33.49 ? 11 DC  A OP1   1 
ATOM   205 O OP2   . DC  A 1 11 ? 16.000  5.059   -7.351  1.00 25.47 ? 11 DC  A OP2   1 
ATOM   206 O "O5'" . DC  A 1 11 ? 15.303  4.897   -4.814  1.00 22.56 ? 11 DC  A "O5'" 1 
ATOM   207 C "C5'" . DC  A 1 11 ? 14.756  3.684   -4.360  1.00 26.21 ? 11 DC  A "C5'" 1 
ATOM   208 C "C4'" . DC  A 1 11 ? 15.125  3.322   -3.022  1.00 29.61 ? 11 DC  A "C4'" 1 
ATOM   209 O "O4'" . DC  A 1 11 ? 14.859  1.914   -2.893  1.00 33.35 ? 11 DC  A "O4'" 1 
ATOM   210 C "C3'" . DC  A 1 11 ? 16.585  3.417   -2.604  1.00 29.86 ? 11 DC  A "C3'" 1 
ATOM   211 O "O3'" . DC  A 1 11 ? 16.604  3.361   -1.168  1.00 35.75 ? 11 DC  A "O3'" 1 
ATOM   212 C "C2'" . DC  A 1 11 ? 17.161  2.198   -3.325  1.00 34.55 ? 11 DC  A "C2'" 1 
ATOM   213 C "C1'" . DC  A 1 11 ? 16.047  1.212   -3.312  1.00 22.49 ? 11 DC  A "C1'" 1 
ATOM   214 N N1    . DC  A 1 11 ? 15.667  0.650   -4.600  1.00 18.03 ? 11 DC  A N1    1 
ATOM   215 C C2    . DC  A 1 11 ? 15.140  -0.618  -4.514  1.00 13.06 ? 11 DC  A C2    1 
ATOM   216 O O2    . DC  A 1 11 ? 15.078  -1.201  -3.432  1.00 20.56 ? 11 DC  A O2    1 
ATOM   217 N N3    . DC  A 1 11 ? 14.774  -1.259  -5.668  1.00 16.25 ? 11 DC  A N3    1 
ATOM   218 C C4    . DC  A 1 11 ? 14.942  -0.688  -6.873  1.00 13.42 ? 11 DC  A C4    1 
ATOM   219 N N4    . DC  A 1 11 ? 14.564  -1.331  -7.980  1.00 11.95 ? 11 DC  A N4    1 
ATOM   220 C C5    . DC  A 1 11 ? 15.476  0.605   -6.943  1.00 15.62 ? 11 DC  A C5    1 
ATOM   221 C C6    . DC  A 1 11 ? 15.802  1.216   -5.797  1.00 19.34 ? 11 DC  A C6    1 
ATOM   222 P P     . DG  A 1 12 ? 18.023  3.399   -0.399  1.00 32.74 ? 12 DG  A P     1 
ATOM   223 O OP1   . DG  A 1 12 ? 17.818  3.704   1.036   1.00 30.33 ? 12 DG  A OP1   1 
ATOM   224 O OP2   . DG  A 1 12 ? 18.855  4.224   -1.343  1.00 31.68 ? 12 DG  A OP2   1 
ATOM   225 O "O5'" . DG  A 1 12 ? 18.566  1.893   -0.686  1.00 32.81 ? 12 DG  A "O5'" 1 
ATOM   226 C "C5'" . DG  A 1 12 ? 18.568  0.678   0.056   1.00 15.43 ? 12 DG  A "C5'" 1 
ATOM   227 C "C4'" . DG  A 1 12 ? 19.364  -0.293  -0.733  1.00 12.56 ? 12 DG  A "C4'" 1 
ATOM   228 O "O4'" . DG  A 1 12 ? 18.750  -0.416  -2.024  1.00 18.86 ? 12 DG  A "O4'" 1 
ATOM   229 C "C3'" . DG  A 1 12 ? 20.802  -0.023  -1.146  1.00 15.44 ? 12 DG  A "C3'" 1 
ATOM   230 O "O3'" . DG  A 1 12 ? 21.785  -0.399  -0.154  1.00 19.72 ? 12 DG  A "O3'" 1 
ATOM   231 C "C2'" . DG  A 1 12 ? 21.008  -0.817  -2.414  1.00 12.82 ? 12 DG  A "C2'" 1 
ATOM   232 C "C1'" . DG  A 1 12 ? 19.639  -1.382  -2.695  1.00 11.01 ? 12 DG  A "C1'" 1 
ATOM   233 N N9    . DG  A 1 12 ? 19.225  -1.239  -4.056  1.00 12.23 ? 12 DG  A N9    1 
ATOM   234 C C8    . DG  A 1 12 ? 19.245  -0.077  -4.807  1.00 14.91 ? 12 DG  A C8    1 
ATOM   235 N N7    . DG  A 1 12 ? 18.781  -0.194  -6.020  1.00 11.95 ? 12 DG  A N7    1 
ATOM   236 C C5    . DG  A 1 12 ? 18.395  -1.562  -6.063  1.00 14.73 ? 12 DG  A C5    1 
ATOM   237 C C6    . DG  A 1 12 ? 17.781  -2.331  -7.070  1.00 13.71 ? 12 DG  A C6    1 
ATOM   238 O O6    . DG  A 1 12 ? 17.459  -1.940  -8.214  1.00 15.36 ? 12 DG  A O6    1 
ATOM   239 N N1    . DG  A 1 12 ? 17.582  -3.631  -6.701  1.00 10.00 ? 12 DG  A N1    1 
ATOM   240 C C2    . DG  A 1 12 ? 17.862  -4.104  -5.512  1.00 3.71  ? 12 DG  A C2    1 
ATOM   241 N N2    . DG  A 1 12 ? 17.565  -5.412  -5.352  1.00 10.50 ? 12 DG  A N2    1 
ATOM   242 N N3    . DG  A 1 12 ? 18.402  -3.465  -4.535  1.00 9.61  ? 12 DG  A N3    1 
ATOM   243 C C4    . DG  A 1 12 ? 18.657  -2.196  -4.870  1.00 13.44 ? 12 DG  A C4    1 
ATOM   244 O "O5'" . DC  B 1 1  ? 15.058  -10.083 -12.146 1.00 24.89 ? 13 DC  B "O5'" 1 
ATOM   245 C "C5'" . DC  B 1 1  ? 16.104  -10.411 -11.191 1.00 16.53 ? 13 DC  B "C5'" 1 
ATOM   246 C "C4'" . DC  B 1 1  ? 15.631  -10.333 -9.799  1.00 12.93 ? 13 DC  B "C4'" 1 
ATOM   247 O "O4'" . DC  B 1 1  ? 16.180  -9.234  -9.104  1.00 13.91 ? 13 DC  B "O4'" 1 
ATOM   248 C "C3'" . DC  B 1 1  ? 14.129  -10.116 -9.624  1.00 20.88 ? 13 DC  B "C3'" 1 
ATOM   249 O "O3'" . DC  B 1 1  ? 13.667  -10.611 -8.396  1.00 26.39 ? 13 DC  B "O3'" 1 
ATOM   250 C "C2'" . DC  B 1 1  ? 14.024  -8.602  -9.720  1.00 10.80 ? 13 DC  B "C2'" 1 
ATOM   251 C "C1'" . DC  B 1 1  ? 15.235  -8.154  -8.956  1.00 13.84 ? 13 DC  B "C1'" 1 
ATOM   252 N N1    . DC  B 1 1  ? 15.766  -6.871  -9.435  1.00 9.67  ? 13 DC  B N1    1 
ATOM   253 C C2    . DC  B 1 1  ? 16.101  -5.941  -8.471  1.00 11.05 ? 13 DC  B C2    1 
ATOM   254 O O2    . DC  B 1 1  ? 15.994  -6.115  -7.253  1.00 15.45 ? 13 DC  B O2    1 
ATOM   255 N N3    . DC  B 1 1  ? 16.616  -4.753  -8.888  1.00 10.88 ? 13 DC  B N3    1 
ATOM   256 C C4    . DC  B 1 1  ? 16.799  -4.450  -10.203 1.00 7.00  ? 13 DC  B C4    1 
ATOM   257 N N4    . DC  B 1 1  ? 17.284  -3.257  -10.472 1.00 11.71 ? 13 DC  B N4    1 
ATOM   258 C C5    . DC  B 1 1  ? 16.409  -5.377  -11.145 1.00 14.50 ? 13 DC  B C5    1 
ATOM   259 C C6    . DC  B 1 1  ? 15.926  -6.562  -10.735 1.00 13.39 ? 13 DC  B C6    1 
ATOM   260 P P     . DG  B 1 2  ? 12.427  -11.569 -8.079  1.00 18.36 ? 14 DG  B P     1 
ATOM   261 O OP1   . DG  B 1 2  ? 12.610  -12.852 -8.860  1.00 25.91 ? 14 DG  B OP1   1 
ATOM   262 O OP2   . DG  B 1 2  ? 11.156  -10.844 -8.289  1.00 32.68 ? 14 DG  B OP2   1 
ATOM   263 O "O5'" . DG  B 1 2  ? 12.659  -11.695 -6.502  1.00 25.95 ? 14 DG  B "O5'" 1 
ATOM   264 C "C5'" . DG  B 1 2  ? 14.029  -11.861 -6.045  1.00 13.00 ? 14 DG  B "C5'" 1 
ATOM   265 C "C4'" . DG  B 1 2  ? 14.188  -11.159 -4.785  1.00 9.51  ? 14 DG  B "C4'" 1 
ATOM   266 O "O4'" . DG  B 1 2  ? 14.634  -9.836  -5.032  1.00 14.40 ? 14 DG  B "O4'" 1 
ATOM   267 C "C3'" . DG  B 1 2  ? 12.938  -11.041 -3.953  1.00 14.89 ? 14 DG  B "C3'" 1 
ATOM   268 O "O3'" . DG  B 1 2  ? 13.202  -11.268 -2.608  1.00 23.33 ? 14 DG  B "O3'" 1 
ATOM   269 C "C2'" . DG  B 1 2  ? 12.466  -9.649  -4.261  1.00 18.04 ? 14 DG  B "C2'" 1 
ATOM   270 C "C1'" . DG  B 1 2  ? 13.859  -8.936  -4.293  1.00 12.07 ? 14 DG  B "C1'" 1 
ATOM   271 N N9    . DG  B 1 2  ? 13.630  -7.737  -5.113  1.00 7.70  ? 14 DG  B N9    1 
ATOM   272 C C8    . DG  B 1 2  ? 13.073  -7.682  -6.357  1.00 5.65  ? 14 DG  B C8    1 
ATOM   273 N N7    . DG  B 1 2  ? 12.968  -6.501  -6.796  1.00 15.80 ? 14 DG  B N7    1 
ATOM   274 C C5    . DG  B 1 2  ? 13.505  -5.665  -5.809  1.00 7.77  ? 14 DG  B C5    1 
ATOM   275 C C6    . DG  B 1 2  ? 13.660  -4.265  -5.755  1.00 10.69 ? 14 DG  B C6    1 
ATOM   276 O O6    . DG  B 1 2  ? 13.340  -3.497  -6.676  1.00 12.08 ? 14 DG  B O6    1 
ATOM   277 N N1    . DG  B 1 2  ? 14.225  -3.802  -4.612  1.00 6.54  ? 14 DG  B N1    1 
ATOM   278 C C2    . DG  B 1 2  ? 14.562  -4.680  -3.632  1.00 12.49 ? 14 DG  B C2    1 
ATOM   279 N N2    . DG  B 1 2  ? 15.104  -4.183  -2.504  1.00 17.95 ? 14 DG  B N2    1 
ATOM   280 N N3    . DG  B 1 2  ? 14.447  -6.008  -3.621  1.00 14.26 ? 14 DG  B N3    1 
ATOM   281 C C4    . DG  B 1 2  ? 13.896  -6.432  -4.772  1.00 12.06 ? 14 DG  B C4    1 
ATOM   282 P P     . DC  B 1 3  ? 11.991  -11.425 -1.562  1.00 24.69 ? 15 DC  B P     1 
ATOM   283 O OP1   . DC  B 1 3  ? 12.469  -12.565 -0.742  1.00 25.78 ? 15 DC  B OP1   1 
ATOM   284 O OP2   . DC  B 1 3  ? 10.819  -11.593 -2.404  1.00 27.69 ? 15 DC  B OP2   1 
ATOM   285 O "O5'" . DC  B 1 3  ? 11.852  -10.071 -0.857  1.00 14.60 ? 15 DC  B "O5'" 1 
ATOM   286 C "C5'" . DC  B 1 3  ? 12.784  -9.719  0.173   1.00 14.76 ? 15 DC  B "C5'" 1 
ATOM   287 C "C4'" . DC  B 1 3  ? 12.726  -8.185  0.226   1.00 14.50 ? 15 DC  B "C4'" 1 
ATOM   288 O "O4'" . DC  B 1 3  ? 12.607  -7.555  -1.003  1.00 15.22 ? 15 DC  B "O4'" 1 
ATOM   289 C "C3'" . DC  B 1 3  ? 11.533  -7.686  0.991   1.00 9.15  ? 15 DC  B "C3'" 1 
ATOM   290 O "O3'" . DC  B 1 3  ? 11.861  -7.392  2.355   1.00 17.66 ? 15 DC  B "O3'" 1 
ATOM   291 C "C2'" . DC  B 1 3  ? 11.131  -6.465  0.278   1.00 10.95 ? 15 DC  B "C2'" 1 
ATOM   292 C "C1'" . DC  B 1 3  ? 11.927  -6.257  -0.877  1.00 4.48  ? 15 DC  B "C1'" 1 
ATOM   293 N N1    . DC  B 1 3  ? 11.140  -6.185  -2.125  1.00 0.00  ? 15 DC  B N1    1 
ATOM   294 C C2    . DC  B 1 3  ? 11.135  -5.012  -2.825  1.00 8.67  ? 15 DC  B C2    1 
ATOM   295 O O2    . DC  B 1 3  ? 11.770  -4.047  -2.358  1.00 5.33  ? 15 DC  B O2    1 
ATOM   296 N N3    . DC  B 1 3  ? 10.386  -4.956  -3.987  1.00 5.03  ? 15 DC  B N3    1 
ATOM   297 C C4    . DC  B 1 3  ? 9.721   -6.046  -4.412  1.00 3.71  ? 15 DC  B C4    1 
ATOM   298 N N4    . DC  B 1 3  ? 9.004   -6.101  -5.536  1.00 11.21 ? 15 DC  B N4    1 
ATOM   299 C C5    . DC  B 1 3  ? 9.770   -7.243  -3.700  1.00 7.86  ? 15 DC  B C5    1 
ATOM   300 C C6    . DC  B 1 3  ? 10.458  -7.258  -2.540  1.00 4.76  ? 15 DC  B C6    1 
ATOM   301 P P     . DG  B 1 4  ? 10.734  -7.388  3.494   1.00 19.82 ? 16 DG  B P     1 
ATOM   302 O OP1   . DG  B 1 4  ? 11.268  -8.264  4.569   1.00 22.38 ? 16 DG  B OP1   1 
ATOM   303 O OP2   . DG  B 1 4  ? 9.536   -7.809  2.743   1.00 11.13 ? 16 DG  B OP2   1 
ATOM   304 O "O5'" . DG  B 1 4  ? 10.703  -5.893  3.974   1.00 21.70 ? 16 DG  B "O5'" 1 
ATOM   305 C "C5'" . DG  B 1 4  ? 11.924  -5.111  4.042   1.00 19.55 ? 16 DG  B "C5'" 1 
ATOM   306 C "C4'" . DG  B 1 4  ? 11.470  -3.706  3.681   1.00 13.77 ? 16 DG  B "C4'" 1 
ATOM   307 O "O4'" . DG  B 1 4  ? 11.042  -3.582  2.390   1.00 9.94  ? 16 DG  B "O4'" 1 
ATOM   308 C "C3'" . DG  B 1 4  ? 10.324  -3.148  4.516   1.00 21.21 ? 16 DG  B "C3'" 1 
ATOM   309 O "O3'" . DG  B 1 4  ? 10.696  -1.855  4.978   1.00 25.18 ? 16 DG  B "O3'" 1 
ATOM   310 C "C2'" . DG  B 1 4  ? 9.126   -3.308  3.592   1.00 9.92  ? 16 DG  B "C2'" 1 
ATOM   311 C "C1'" . DG  B 1 4  ? 9.751   -3.000  2.263   1.00 8.83  ? 16 DG  B "C1'" 1 
ATOM   312 N N9    . DG  B 1 4  ? 9.037   -3.649  1.153   1.00 3.12  ? 16 DG  B N9    1 
ATOM   313 C C8    . DG  B 1 4  ? 8.483   -4.911  1.130   1.00 2.42  ? 16 DG  B C8    1 
ATOM   314 N N7    . DG  B 1 4  ? 7.941   -5.256  0.013   1.00 8.98  ? 16 DG  B N7    1 
ATOM   315 C C5    . DG  B 1 4  ? 8.147   -4.108  -0.786  1.00 0.60  ? 16 DG  B C5    1 
ATOM   316 C C6    . DG  B 1 4  ? 7.743   -3.818  -2.109  1.00 5.98  ? 16 DG  B C6    1 
ATOM   317 O O6    . DG  B 1 4  ? 7.121   -4.600  -2.865  1.00 12.37 ? 16 DG  B O6    1 
ATOM   318 N N1    . DG  B 1 4  ? 8.131   -2.577  -2.521  1.00 2.08  ? 16 DG  B N1    1 
ATOM   319 C C2    . DG  B 1 4  ? 8.784   -1.710  -1.727  1.00 0.00  ? 16 DG  B C2    1 
ATOM   320 N N2    . DG  B 1 4  ? 9.043   -0.508  -2.278  1.00 12.05 ? 16 DG  B N2    1 
ATOM   321 N N3    . DG  B 1 4  ? 9.167   -1.892  -0.524  1.00 0.78  ? 16 DG  B N3    1 
ATOM   322 C C4    . DG  B 1 4  ? 8.832   -3.152  -0.092  1.00 3.27  ? 16 DG  B C4    1 
ATOM   323 P P     . DA  B 1 5  ? 9.890   -0.749  5.768   1.00 27.68 ? 17 DA  B P     1 
ATOM   324 O OP1   . DA  B 1 5  ? 10.823  0.180   6.551   1.00 38.93 ? 17 DA  B OP1   1 
ATOM   325 O OP2   . DA  B 1 5  ? 8.937   -1.373  6.680   1.00 29.38 ? 17 DA  B OP2   1 
ATOM   326 O "O5'" . DA  B 1 5  ? 9.314   -0.008  4.483   1.00 29.82 ? 17 DA  B "O5'" 1 
ATOM   327 C "C5'" . DA  B 1 5  ? 10.226  0.349   3.390   1.00 12.18 ? 17 DA  B "C5'" 1 
ATOM   328 C "C4'" . DA  B 1 5  ? 9.734   1.624   2.850   1.00 7.48  ? 17 DA  B "C4'" 1 
ATOM   329 O "O4'" . DA  B 1 5  ? 8.934   1.402   1.673   1.00 12.42 ? 17 DA  B "O4'" 1 
ATOM   330 C "C3'" . DA  B 1 5  ? 8.783   2.475   3.725   1.00 13.88 ? 17 DA  B "C3'" 1 
ATOM   331 O "O3'" . DA  B 1 5  ? 8.693   3.773   3.285   1.00 8.68  ? 17 DA  B "O3'" 1 
ATOM   332 C "C2'" . DA  B 1 5  ? 7.478   1.718   3.540   1.00 6.70  ? 17 DA  B "C2'" 1 
ATOM   333 C "C1'" . DA  B 1 5  ? 7.609   1.337   2.041   1.00 6.15  ? 17 DA  B "C1'" 1 
ATOM   334 N N9    . DA  B 1 5  ? 6.978   0.031   1.914   1.00 5.79  ? 17 DA  B N9    1 
ATOM   335 C C8    . DA  B 1 5  ? 6.717   -1.005  2.799   1.00 3.39  ? 17 DA  B C8    1 
ATOM   336 N N7    . DA  B 1 5  ? 6.052   -2.015  2.335   1.00 8.68  ? 17 DA  B N7    1 
ATOM   337 C C5    . DA  B 1 5  ? 5.824   -1.598  0.989   1.00 7.75  ? 17 DA  B C5    1 
ATOM   338 C C6    . DA  B 1 5  ? 5.115   -2.214  -0.045  1.00 3.60  ? 17 DA  B C6    1 
ATOM   339 N N6    . DA  B 1 5  ? 4.571   -3.422  0.062   1.00 19.83 ? 17 DA  B N6    1 
ATOM   340 N N1    . DA  B 1 5  ? 5.032   -1.558  -1.225  1.00 9.13  ? 17 DA  B N1    1 
ATOM   341 C C2    . DA  B 1 5  ? 5.615   -0.294  -1.356  1.00 14.21 ? 17 DA  B C2    1 
ATOM   342 N N3    . DA  B 1 5  ? 6.288   0.390   -0.387  1.00 10.22 ? 17 DA  B N3    1 
ATOM   343 C C4    . DA  B 1 5  ? 6.357   -0.342  0.747   1.00 6.77  ? 17 DA  B C4    1 
ATOM   344 P P     . DA  B 1 6  ? 8.012   5.052   3.788   1.00 22.83 ? 18 DA  B P     1 
ATOM   345 O OP1   . DA  B 1 6  ? 8.936   5.964   4.546   1.00 22.73 ? 18 DA  B OP1   1 
ATOM   346 O OP2   . DA  B 1 6  ? 6.768   4.688   4.528   1.00 16.88 ? 18 DA  B OP2   1 
ATOM   347 O "O5'" . DA  B 1 6  ? 7.684   5.785   2.382   1.00 23.90 ? 18 DA  B "O5'" 1 
ATOM   348 C "C5'" . DA  B 1 6  ? 7.475   4.995   1.229   1.00 24.49 ? 18 DA  B "C5'" 1 
ATOM   349 C "C4'" . DA  B 1 6  ? 6.270   5.338   0.430   1.00 24.17 ? 18 DA  B "C4'" 1 
ATOM   350 O "O4'" . DA  B 1 6  ? 5.573   4.139   0.110   1.00 23.72 ? 18 DA  B "O4'" 1 
ATOM   351 C "C3'" . DA  B 1 6  ? 5.146   6.220   0.992   1.00 22.91 ? 18 DA  B "C3'" 1 
ATOM   352 O "O3'" . DA  B 1 6  ? 4.368   6.777   -0.028  1.00 27.86 ? 18 DA  B "O3'" 1 
ATOM   353 C "C2'" . DA  B 1 6  ? 4.301   5.188   1.742   1.00 24.19 ? 18 DA  B "C2'" 1 
ATOM   354 C "C1'" . DA  B 1 6  ? 4.246   4.108   0.642   1.00 13.72 ? 18 DA  B "C1'" 1 
ATOM   355 N N9    . DA  B 1 6  ? 3.875   2.800   1.194   1.00 4.34  ? 18 DA  B N9    1 
ATOM   356 C C8    . DA  B 1 6  ? 4.053   2.286   2.422   1.00 5.26  ? 18 DA  B C8    1 
ATOM   357 N N7    . DA  B 1 6  ? 3.603   1.078   2.606   1.00 6.00  ? 18 DA  B N7    1 
ATOM   358 C C5    . DA  B 1 6  ? 3.056   0.782   1.346   1.00 2.74  ? 18 DA  B C5    1 
ATOM   359 C C6    . DA  B 1 6  ? 2.479   -0.409  0.877   1.00 7.07  ? 18 DA  B C6    1 
ATOM   360 N N6    . DA  B 1 6  ? 2.304   -1.450  1.700   1.00 9.11  ? 18 DA  B N6    1 
ATOM   361 N N1    . DA  B 1 6  ? 2.082   -0.385  -0.429  1.00 4.31  ? 18 DA  B N1    1 
ATOM   362 C C2    . DA  B 1 6  ? 2.228   0.730   -1.184  1.00 4.12  ? 18 DA  B C2    1 
ATOM   363 N N3    . DA  B 1 6  ? 2.855   1.802   -0.815  1.00 2.23  ? 18 DA  B N3    1 
ATOM   364 C C4    . DA  B 1 6  ? 3.231   1.786   0.462   1.00 3.98  ? 18 DA  B C4    1 
ATOM   365 P P     . DT  B 1 7  ? 3.529   8.181   -0.062  1.00 20.66 ? 19 DT  B P     1 
ATOM   366 O OP1   . DT  B 1 7  ? 4.310   9.131   -0.886  1.00 28.80 ? 19 DT  B OP1   1 
ATOM   367 O OP2   . DT  B 1 7  ? 3.277   8.399   1.353   1.00 26.57 ? 19 DT  B OP2   1 
ATOM   368 O "O5'" . DT  B 1 7  ? 2.343   7.571   -0.952  1.00 22.30 ? 19 DT  B "O5'" 1 
ATOM   369 C "C5'" . DT  B 1 7  ? 2.601   6.955   -2.256  1.00 7.72  ? 19 DT  B "C5'" 1 
ATOM   370 C "C4'" . DT  B 1 7  ? 1.405   6.052   -2.526  1.00 12.75 ? 19 DT  B "C4'" 1 
ATOM   371 O "O4'" . DT  B 1 7  ? 1.416   5.062   -1.497  1.00 13.41 ? 19 DT  B "O4'" 1 
ATOM   372 C "C3'" . DT  B 1 7  ? 0.034   6.693   -2.386  1.00 10.03 ? 19 DT  B "C3'" 1 
ATOM   373 O "O3'" . DT  B 1 7  ? -0.771  6.596   -3.539  1.00 23.14 ? 19 DT  B "O3'" 1 
ATOM   374 C "C2'" . DT  B 1 7  ? -0.599  5.939   -1.267  1.00 1.49  ? 19 DT  B "C2'" 1 
ATOM   375 C "C1'" . DT  B 1 7  ? 0.041   4.614   -1.424  1.00 0.62  ? 19 DT  B "C1'" 1 
ATOM   376 N N1    . DT  B 1 7  ? 0.008   3.774   -0.212  1.00 7.27  ? 19 DT  B N1    1 
ATOM   377 C C2    . DT  B 1 7  ? -0.460  2.506   -0.383  1.00 5.03  ? 19 DT  B C2    1 
ATOM   378 O O2    . DT  B 1 7  ? -0.812  2.102   -1.484  1.00 5.47  ? 19 DT  B O2    1 
ATOM   379 N N3    . DT  B 1 7  ? -0.478  1.700   0.735   1.00 9.45  ? 19 DT  B N3    1 
ATOM   380 C C4    . DT  B 1 7  ? -0.032  2.119   1.952   1.00 0.73  ? 19 DT  B C4    1 
ATOM   381 O O4    . DT  B 1 7  ? -0.077  1.262   2.886   1.00 9.22  ? 19 DT  B O4    1 
ATOM   382 C C5    . DT  B 1 7  ? 0.420   3.404   2.117   1.00 0.00  ? 19 DT  B C5    1 
ATOM   383 C C7    . DT  B 1 7  ? 0.879   3.861   3.479   1.00 9.52  ? 19 DT  B C7    1 
ATOM   384 C C6    . DT  B 1 7  ? 0.474   4.205   1.025   1.00 8.69  ? 19 DT  B C6    1 
ATOM   385 P P     . DT  B 1 8  ? -1.925  7.756   -3.722  1.00 19.54 ? 20 DT  B P     1 
ATOM   386 O OP1   . DT  B 1 8  ? -1.831  8.141   -5.164  1.00 19.92 ? 20 DT  B OP1   1 
ATOM   387 O OP2   . DT  B 1 8  ? -1.578  8.843   -2.823  1.00 26.44 ? 20 DT  B OP2   1 
ATOM   388 O "O5'" . DT  B 1 8  ? -3.127  6.755   -3.496  1.00 21.18 ? 20 DT  B "O5'" 1 
ATOM   389 C "C5'" . DT  B 1 8  ? -3.119  5.707   -4.539  1.00 14.76 ? 20 DT  B "C5'" 1 
ATOM   390 C "C4'" . DT  B 1 8  ? -4.090  4.625   -4.136  1.00 10.46 ? 20 DT  B "C4'" 1 
ATOM   391 O "O4'" . DT  B 1 8  ? -3.699  3.999   -2.932  1.00 3.81  ? 20 DT  B "O4'" 1 
ATOM   392 C "C3'" . DT  B 1 8  ? -5.552  5.020   -3.940  1.00 6.19  ? 20 DT  B "C3'" 1 
ATOM   393 O "O3'" . DT  B 1 8  ? -6.321  4.351   -4.929  1.00 19.39 ? 20 DT  B "O3'" 1 
ATOM   394 C "C2'" . DT  B 1 8  ? -5.919  4.626   -2.543  1.00 3.13  ? 20 DT  B "C2'" 1 
ATOM   395 C "C1'" . DT  B 1 8  ? -4.946  3.527   -2.376  1.00 2.63  ? 20 DT  B "C1'" 1 
ATOM   396 N N1    . DT  B 1 8  ? -4.513  3.299   -0.997  1.00 0.00  ? 20 DT  B N1    1 
ATOM   397 C C2    . DT  B 1 8  ? -4.722  2.052   -0.570  1.00 0.00  ? 20 DT  B C2    1 
ATOM   398 O O2    . DT  B 1 8  ? -5.302  1.274   -1.306  1.00 13.15 ? 20 DT  B O2    1 
ATOM   399 N N3    . DT  B 1 8  ? -4.323  1.727   0.678   1.00 5.77  ? 20 DT  B N3    1 
ATOM   400 C C4    . DT  B 1 8  ? -3.716  2.630   1.492   1.00 6.66  ? 20 DT  B C4    1 
ATOM   401 O O4    . DT  B 1 8  ? -3.409  2.202   2.670   1.00 13.23 ? 20 DT  B O4    1 
ATOM   402 C C5    . DT  B 1 8  ? -3.511  3.918   1.019   1.00 0.00  ? 20 DT  B C5    1 
ATOM   403 C C7    . DT  B 1 8  ? -2.800  4.932   1.851   1.00 8.71  ? 20 DT  B C7    1 
ATOM   404 C C6    . DT  B 1 8  ? -3.890  4.245   -0.233  1.00 2.20  ? 20 DT  B C6    1 
ATOM   405 P P     . DC  B 1 9  ? -7.858  4.513   -5.230  1.00 15.92 ? 21 DC  B P     1 
ATOM   406 O OP1   . DC  B 1 9  ? -8.175  4.736   -6.701  1.00 25.66 ? 21 DC  B OP1   1 
ATOM   407 O OP2   . DC  B 1 9  ? -8.269  5.428   -4.198  1.00 20.18 ? 21 DC  B OP2   1 
ATOM   408 O "O5'" . DC  B 1 9  ? -8.258  2.920   -5.105  1.00 22.62 ? 21 DC  B "O5'" 1 
ATOM   409 C "C5'" . DC  B 1 9  ? -7.828  2.201   -4.000  1.00 12.67 ? 21 DC  B "C5'" 1 
ATOM   410 C "C4'" . DC  B 1 9  ? -8.910  1.309   -3.486  1.00 13.56 ? 21 DC  B "C4'" 1 
ATOM   411 O "O4'" . DC  B 1 9  ? -8.539  1.056   -2.122  1.00 21.69 ? 21 DC  B "O4'" 1 
ATOM   412 C "C3'" . DC  B 1 9  ? -10.341 1.778   -3.475  1.00 17.34 ? 21 DC  B "C3'" 1 
ATOM   413 O "O3'" . DC  B 1 9  ? -11.354 0.785   -3.742  1.00 19.49 ? 21 DC  B "O3'" 1 
ATOM   414 C "C2'" . DC  B 1 9  ? -10.422 2.445   -2.110  1.00 19.59 ? 21 DC  B "C2'" 1 
ATOM   415 C "C1'" . DC  B 1 9  ? -9.529  1.669   -1.244  1.00 11.56 ? 21 DC  B "C1'" 1 
ATOM   416 N N1    . DC  B 1 9  ? -8.705  2.404   -0.251  1.00 11.74 ? 21 DC  B N1    1 
ATOM   417 C C2    . DC  B 1 9  ? -8.373  1.630   0.861   1.00 2.47  ? 21 DC  B C2    1 
ATOM   418 O O2    . DC  B 1 9  ? -8.764  0.527   0.967   1.00 0.69  ? 21 DC  B O2    1 
ATOM   419 N N3    . DC  B 1 9  ? -7.570  2.171   1.815   1.00 6.15  ? 21 DC  B N3    1 
ATOM   420 C C4    . DC  B 1 9  ? -7.125  3.453   1.687   1.00 1.57  ? 21 DC  B C4    1 
ATOM   421 N N4    . DC  B 1 9  ? -6.348  3.892   2.664   1.00 9.22  ? 21 DC  B N4    1 
ATOM   422 C C5    . DC  B 1 9  ? -7.487  4.217   0.565   1.00 6.40  ? 21 DC  B C5    1 
ATOM   423 C C6    . DC  B 1 9  ? -8.252  3.697   -0.404  1.00 3.54  ? 21 DC  B C6    1 
ATOM   424 P P     . DG  B 1 10 ? -12.938 0.929   -4.055  1.00 15.68 ? 22 DG  B P     1 
ATOM   425 O OP1   . DG  B 1 10 ? -13.332 -0.093  -4.988  1.00 15.78 ? 22 DG  B OP1   1 
ATOM   426 O OP2   . DG  B 1 10 ? -13.201 2.354   -4.303  1.00 18.31 ? 22 DG  B OP2   1 
ATOM   427 O "O5'" . DG  B 1 10 ? -13.702 0.560   -2.687  1.00 10.78 ? 22 DG  B "O5'" 1 
ATOM   428 C "C5'" . DG  B 1 10 ? -13.699 -0.790  -2.222  1.00 11.96 ? 22 DG  B "C5'" 1 
ATOM   429 C "C4'" . DG  B 1 10 ? -13.952 -0.705  -0.734  1.00 7.96  ? 22 DG  B "C4'" 1 
ATOM   430 O "O4'" . DG  B 1 10 ? -13.024 0.065   0.005   1.00 13.62 ? 22 DG  B "O4'" 1 
ATOM   431 C "C3'" . DG  B 1 10 ? -15.294 -0.035  -0.437  1.00 13.75 ? 22 DG  B "C3'" 1 
ATOM   432 O "O3'" . DG  B 1 10 ? -15.890 -0.846  0.566   1.00 19.51 ? 22 DG  B "O3'" 1 
ATOM   433 C "C2'" . DG  B 1 10 ? -14.827 1.373   -0.058  1.00 8.77  ? 22 DG  B "C2'" 1 
ATOM   434 C "C1'" . DG  B 1 10 ? -13.678 0.976   0.862   1.00 4.80  ? 22 DG  B "C1'" 1 
ATOM   435 N N9    . DG  B 1 10 ? -12.799 2.050   1.237   1.00 5.56  ? 22 DG  B N9    1 
ATOM   436 C C8    . DG  B 1 10 ? -12.563 3.245   0.616   1.00 4.38  ? 22 DG  B C8    1 
ATOM   437 N N7    . DG  B 1 10 ? -11.630 4.030   1.210   1.00 8.58  ? 22 DG  B N7    1 
ATOM   438 C C5    . DG  B 1 10 ? -11.297 3.224   2.338   1.00 8.36  ? 22 DG  B C5    1 
ATOM   439 C C6    . DG  B 1 10 ? -10.369 3.469   3.379   1.00 10.03 ? 22 DG  B C6    1 
ATOM   440 O O6    . DG  B 1 10 ? -9.651  4.492   3.494   1.00 14.13 ? 22 DG  B O6    1 
ATOM   441 N N1    . DG  B 1 10 ? -10.318 2.461   4.319   1.00 6.53  ? 22 DG  B N1    1 
ATOM   442 C C2    . DG  B 1 10 ? -11.040 1.328   4.216   1.00 2.05  ? 22 DG  B C2    1 
ATOM   443 N N2    . DG  B 1 10 ? -10.862 0.407   5.165   1.00 4.05  ? 22 DG  B N2    1 
ATOM   444 N N3    . DG  B 1 10 ? -11.871 1.058   3.244   1.00 8.99  ? 22 DG  B N3    1 
ATOM   445 C C4    . DG  B 1 10 ? -11.980 2.042   2.347   1.00 4.32  ? 22 DG  B C4    1 
ATOM   446 P P     . DC  B 1 11 ? -17.479 -1.053  0.566   1.00 21.65 ? 23 DC  B P     1 
ATOM   447 O OP1   . DC  B 1 11 ? -17.632 -2.016  -0.566  1.00 20.27 ? 23 DC  B OP1   1 
ATOM   448 O OP2   . DC  B 1 11 ? -17.939 0.314   0.415   1.00 7.68  ? 23 DC  B OP2   1 
ATOM   449 O "O5'" . DC  B 1 11 ? -17.809 -1.684  1.981   1.00 9.14  ? 23 DC  B "O5'" 1 
ATOM   450 C "C5'" . DC  B 1 11 ? -16.922 -2.704  2.459   1.00 20.68 ? 23 DC  B "C5'" 1 
ATOM   451 C "C4'" . DC  B 1 11 ? -16.514 -2.340  3.859   1.00 13.70 ? 23 DC  B "C4'" 1 
ATOM   452 O "O4'" . DC  B 1 11 ? -15.535 -1.348  3.812   1.00 19.44 ? 23 DC  B "O4'" 1 
ATOM   453 C "C3'" . DC  B 1 11 ? -17.623 -1.728  4.665   1.00 16.77 ? 23 DC  B "C3'" 1 
ATOM   454 O "O3'" . DC  B 1 11 ? -18.427 -2.774  5.239   1.00 25.47 ? 23 DC  B "O3'" 1 
ATOM   455 C "C2'" . DC  B 1 11 ? -16.865 -0.802  5.580   1.00 12.64 ? 23 DC  B "C2'" 1 
ATOM   456 C "C1'" . DC  B 1 11 ? -15.557 -0.546  5.003   1.00 10.50 ? 23 DC  B "C1'" 1 
ATOM   457 N N1    . DC  B 1 11 ? -15.268 0.848   4.637   1.00 11.44 ? 23 DC  B N1    1 
ATOM   458 C C2    . DC  B 1 11 ? -14.432 1.543   5.454   1.00 11.57 ? 23 DC  B C2    1 
ATOM   459 O O2    . DC  B 1 11 ? -13.935 1.020   6.459   1.00 16.74 ? 23 DC  B O2    1 
ATOM   460 N N3    . DC  B 1 11 ? -14.119 2.883   5.180   1.00 10.50 ? 23 DC  B N3    1 
ATOM   461 C C4    . DC  B 1 11 ? -14.690 3.471   4.105   1.00 13.27 ? 23 DC  B C4    1 
ATOM   462 N N4    . DC  B 1 11 ? -14.395 4.707   3.883   1.00 6.69  ? 23 DC  B N4    1 
ATOM   463 C C5    . DC  B 1 11 ? -15.587 2.758   3.270   1.00 12.79 ? 23 DC  B C5    1 
ATOM   464 C C6    . DC  B 1 11 ? -15.835 1.467   3.567   1.00 13.21 ? 23 DC  B C6    1 
ATOM   465 P P     . DG  B 1 12 ? -19.837 -2.660  6.048   1.00 18.15 ? 24 DG  B P     1 
ATOM   466 O OP1   . DG  B 1 12 ? -20.061 -4.056  6.335   1.00 20.79 ? 24 DG  B OP1   1 
ATOM   467 O OP2   . DG  B 1 12 ? -20.673 -1.631  5.313   1.00 20.29 ? 24 DG  B OP2   1 
ATOM   468 O "O5'" . DG  B 1 12 ? -19.507 -1.964  7.433   1.00 18.90 ? 24 DG  B "O5'" 1 
ATOM   469 C "C5'" . DG  B 1 12 ? -19.105 -2.691  8.330   1.00 17.89 ? 24 DG  B "C5'" 1 
ATOM   470 C "C4'" . DG  B 1 12 ? -18.738 -1.678  9.432   1.00 22.05 ? 24 DG  B "C4'" 1 
ATOM   471 O "O4'" . DG  B 1 12 ? -17.556 -1.011  8.931   1.00 26.67 ? 24 DG  B "O4'" 1 
ATOM   472 C "C3'" . DG  B 1 12 ? -19.600 -0.516  9.747   1.00 18.24 ? 24 DG  B "C3'" 1 
ATOM   473 O "O3'" . DG  B 1 12 ? -20.734 -0.789  10.583  1.00 37.40 ? 24 DG  B "O3'" 1 
ATOM   474 C "C2'" . DG  B 1 12 ? -18.582 0.368   10.467  1.00 20.05 ? 24 DG  B "C2'" 1 
ATOM   475 C "C1'" . DG  B 1 12 ? -17.432 0.277   9.496   1.00 12.82 ? 24 DG  B "C1'" 1 
ATOM   476 N N9    . DG  B 1 12 ? -17.581 1.405   8.554   1.00 11.03 ? 24 DG  B N9    1 
ATOM   477 C C8    . DG  B 1 12 ? -18.318 1.326   7.388   1.00 7.97  ? 24 DG  B C8    1 
ATOM   478 N N7    . DG  B 1 12 ? -18.115 2.350   6.571   1.00 9.03  ? 24 DG  B N7    1 
ATOM   479 C C5    . DG  B 1 12 ? -17.158 3.120   7.231   1.00 9.52  ? 24 DG  B C5    1 
ATOM   480 C C6    . DG  B 1 12 ? -16.471 4.315   6.881   1.00 10.14 ? 24 DG  B C6    1 
ATOM   481 O O6    . DG  B 1 12 ? -16.664 4.923   5.834   1.00 16.32 ? 24 DG  B O6    1 
ATOM   482 N N1    . DG  B 1 12 ? -15.575 4.791   7.775   1.00 8.13  ? 24 DG  B N1    1 
ATOM   483 C C2    . DG  B 1 12 ? -15.343 4.150   8.982   1.00 11.75 ? 24 DG  B C2    1 
ATOM   484 N N2    . DG  B 1 12 ? -14.452 4.670   9.858   1.00 11.14 ? 24 DG  B N2    1 
ATOM   485 N N3    . DG  B 1 12 ? -15.926 3.024   9.356   1.00 13.20 ? 24 DG  B N3    1 
ATOM   486 C C4    . DG  B 1 12 ? -16.821 2.547   8.441   1.00 9.79  ? 24 DG  B C4    1 
HETATM 487 N N1    . ILT C 2 .  ? 8.204   2.813   -1.452  1.00 48.83 ? 25 ILT A N1    1 
HETATM 488 N N2    . ILT C 2 .  ? 8.787   4.829   -2.227  1.00 55.62 ? 25 ILT A N2    1 
HETATM 489 C C1    . ILT C 2 .  ? 7.980   3.858   -2.127  1.00 49.17 ? 25 ILT A C1    1 
HETATM 490 N N3    . ILT C 2 .  ? 6.899   4.025   -2.776  1.00 45.19 ? 25 ILT A N3    1 
HETATM 491 C C2    . ILT C 2 .  ? 5.826   3.111   -2.851  1.00 48.27 ? 25 ILT A C2    1 
HETATM 492 C C3    . ILT C 2 .  ? 4.697   3.843   -3.589  1.00 49.64 ? 25 ILT A C3    1 
HETATM 493 O O1    . ILT C 2 .  ? 4.756   5.045   -3.888  1.00 49.15 ? 25 ILT A O1    1 
HETATM 494 N N4    . ILT C 2 .  ? 3.711   3.012   -3.807  1.00 48.60 ? 25 ILT A N4    1 
HETATM 495 C C4    . ILT C 2 .  ? 2.579   3.393   -4.492  1.00 40.68 ? 25 ILT A C4    1 
HETATM 496 N N5    . ILT C 2 .  ? 1.072   4.303   -5.791  1.00 34.33 ? 25 ILT A N5    1 
HETATM 497 C C6    . ILT C 2 .  ? 0.576   3.207   -5.244  1.00 34.26 ? 25 ILT A C6    1 
HETATM 498 C C7    . ILT C 2 .  ? 2.348   4.436   -5.327  1.00 39.32 ? 25 ILT A C7    1 
HETATM 499 C C8    . ILT C 2 .  ? 0.460   5.266   -6.710  1.00 33.67 ? 25 ILT A C8    1 
HETATM 500 N N11   . ILT C 2 .  ? 1.490   2.594   -4.446  1.00 38.50 ? 25 ILT A N11   1 
HETATM 501 C C9    . ILT C 2 .  ? -0.784  2.769   -5.551  1.00 36.70 ? 25 ILT A C9    1 
HETATM 502 O O2    . ILT C 2 .  ? -1.490  3.295   -6.397  1.00 41.77 ? 25 ILT A O2    1 
HETATM 503 N N6    . ILT C 2 .  ? -1.134  1.703   -4.855  1.00 36.16 ? 25 ILT A N6    1 
HETATM 504 C C10   . ILT C 2 .  ? -2.467  1.169   -5.094  1.00 34.55 ? 25 ILT A C10   1 
HETATM 505 C C11   . ILT C 2 .  ? -3.186  0.516   -4.100  1.00 33.83 ? 25 ILT A C11   1 
HETATM 506 C C12   . ILT C 2 .  ? -4.412  0.137   -4.700  1.00 32.57 ? 25 ILT A C12   1 
HETATM 507 C C13   . ILT C 2 .  ? -3.217  1.228   -6.220  1.00 30.09 ? 25 ILT A C13   1 
HETATM 508 N N7    . ILT C 2 .  ? -4.405  0.613   -5.997  1.00 28.36 ? 25 ILT A N7    1 
HETATM 509 C C14   . ILT C 2 .  ? -5.302  0.597   -7.107  1.00 23.31 ? 25 ILT A C14   1 
HETATM 510 C C15   . ILT C 2 .  ? -5.468  -0.558  -3.990  1.00 37.35 ? 25 ILT A C15   1 
HETATM 511 O O3    . ILT C 2 .  ? -6.580  -0.873  -4.447  1.00 49.40 ? 25 ILT A O3    1 
HETATM 512 N N8    . ILT C 2 .  ? -5.168  -0.860  -2.712  1.00 32.49 ? 25 ILT A N8    1 
HETATM 513 C C16   . ILT C 2 .  ? -6.102  -1.507  -1.780  1.00 32.92 ? 25 ILT A C16   1 
HETATM 514 C C17   . ILT C 2 .  ? -7.045  -2.498  -2.333  1.00 23.72 ? 25 ILT A C17   1 
HETATM 515 C C18   . ILT C 2 .  ? -7.884  -3.113  -1.193  1.00 34.57 ? 25 ILT A C18   1 
HETATM 516 N N9    . ILT C 2 .  ? -9.183  -3.314  -1.358  1.00 29.95 ? 25 ILT A N9    1 
HETATM 517 N N10   . ILT C 2 .  ? -7.261  -3.399  -0.088  1.00 32.91 ? 25 ILT A N10   1 
HETATM 518 O O     . HOH D 3 .  ? -10.052 9.087   2.273   1.00 24.82 ? 28 HOH A O     1 
HETATM 519 O O     . HOH D 3 .  ? 14.205  -0.861  -11.275 1.00 21.20 ? 31 HOH A O     1 
HETATM 520 O O     . HOH D 3 .  ? -7.448  9.377   6.873   1.00 20.59 ? 32 HOH A O     1 
HETATM 521 O O     . HOH D 3 .  ? 8.215   7.608   -6.222  1.00 13.67 ? 35 HOH A O     1 
HETATM 522 O O     . HOH D 3 .  ? -4.096  4.137   6.011   1.00 43.25 ? 36 HOH A O     1 
HETATM 523 O O     . HOH D 3 .  ? -9.140  -5.864  -4.120  1.00 20.00 ? 37 HOH A O     1 
HETATM 524 O O     . HOH D 3 .  ? -15.331 11.130  8.907   1.00 33.07 ? 42 HOH A O     1 
HETATM 525 O O     . HOH D 3 .  ? -1.092  -7.424  -4.888  1.00 11.86 ? 43 HOH A O     1 
HETATM 526 O O     . HOH D 3 .  ? -9.570  8.468   4.794   1.00 25.51 ? 47 HOH A O     1 
HETATM 527 O O     . HOH D 3 .  ? -2.387  -8.607  0.198   1.00 18.73 ? 48 HOH A O     1 
HETATM 528 O O     . HOH D 3 .  ? -14.629 7.826   2.117   1.00 47.53 ? 49 HOH A O     1 
HETATM 529 O O     . HOH D 3 .  ? -11.393 6.802   3.765   1.00 11.83 ? 51 HOH A O     1 
HETATM 530 O O     . HOH D 3 .  ? 0.486   -5.987  -7.608  1.00 41.66 ? 52 HOH A O     1 
HETATM 531 O O     . HOH D 3 .  ? -1.516  -2.577  6.758   1.00 40.71 ? 54 HOH A O     1 
HETATM 532 O O     . HOH D 3 .  ? 10.521  2.369   -0.345  1.00 16.93 ? 56 HOH A O     1 
HETATM 533 O O     . HOH D 3 .  ? 20.830  3.145   2.593   1.00 36.49 ? 58 HOH A O     1 
HETATM 534 O O     . HOH D 3 .  ? -5.323  -1.584  -9.803  1.00 35.68 ? 59 HOH A O     1 
HETATM 535 O O     . HOH D 3 .  ? 11.231  4.603   1.022   1.00 37.09 ? 60 HOH A O     1 
HETATM 536 O O     . HOH D 3 .  ? -9.585  -4.728  4.747   1.00 54.16 ? 61 HOH A O     1 
HETATM 537 O O     . HOH D 3 .  ? -12.913 -5.645  -1.737  1.00 22.11 ? 62 HOH A O     1 
HETATM 538 O O     . HOH E 3 .  ? -11.328 3.217   -7.340  1.00 23.85 ? 26 HOH B O     1 
HETATM 539 O O     . HOH E 3 .  ? -6.478  6.652   2.415   1.00 9.43  ? 27 HOH B O     1 
HETATM 540 O O     . HOH E 3 .  ? -8.589  6.190   -1.631  1.00 21.92 ? 29 HOH B O     1 
HETATM 541 O O     . HOH E 3 .  ? -6.750  8.879   -3.431  1.00 26.33 ? 30 HOH B O     1 
HETATM 542 O O     . HOH E 3 .  ? -6.589  7.561   -0.166  1.00 17.23 ? 33 HOH B O     1 
HETATM 543 O O     . HOH E 3 .  ? 2.766   -1.085  4.457   1.00 20.95 ? 34 HOH B O     1 
HETATM 544 O O     . HOH E 3 .  ? -11.930 4.950   -4.056  1.00 29.39 ? 38 HOH B O     1 
HETATM 545 O O     . HOH E 3 .  ? -15.341 5.260   0.469   1.00 36.93 ? 39 HOH B O     1 
HETATM 546 O O     . HOH E 3 .  ? -13.985 4.207   -2.478  1.00 38.82 ? 40 HOH B O     1 
HETATM 547 O O     . HOH E 3 .  ? -11.110 6.672   0.796   1.00 22.58 ? 41 HOH B O     1 
HETATM 548 O O     . HOH E 3 .  ? 10.713  -6.864  -8.983  1.00 25.79 ? 44 HOH B O     1 
HETATM 549 O O     . HOH E 3 .  ? -18.791 -5.978  8.787   1.00 13.51 ? 45 HOH B O     1 
HETATM 550 O O     . HOH E 3 .  ? -17.493 3.314   -0.518  1.00 27.81 ? 46 HOH B O     1 
HETATM 551 O O     . HOH E 3 .  ? -17.820 7.604   -1.229  1.00 27.54 ? 50 HOH B O     1 
HETATM 552 O O     . HOH E 3 .  ? -12.637 -2.560  2.253   1.00 35.21 ? 53 HOH B O     1 
HETATM 553 O O     . HOH E 3 .  ? 7.744   -9.680  1.974   1.00 41.12 ? 55 HOH B O     1 
HETATM 554 O O     . HOH E 3 .  ? 3.278   8.107   5.049   1.00 33.16 ? 57 HOH B O     1 
# 
